data_7S8D
#
_entry.id   7S8D
#
_cell.length_a   70.110
_cell.length_b   72.379
_cell.length_c   78.640
_cell.angle_alpha   90.000
_cell.angle_beta   107.949
_cell.angle_gamma   90.000
#
_symmetry.space_group_name_H-M   'P 1 21 1'
#
loop_
_entity.id
_entity.type
_entity.pdbx_description
1 polymer 'SgraIR restriction enzyme'
2 non-polymer 'CALCIUM ION'
3 water water
#
_entity_poly.entity_id   1
_entity_poly.type   'polypeptide(L)'
_entity_poly.pdbx_seq_one_letter_code
;MPFTYSIEATRNLATTERCIQDIRNAPVRNRSTQFQLAQQNMLAYTFGEVIPGFASAGINGMDYRDVIGRPVENAVTEGT
HFFRDDFRVDSNAKAKVAGDIFEIVSSAVMWNCAARWNSLMVGEGWRSQPRYSRPTLSPSPRRQVAVLNLPRSFDWVSLL
VPESQEVIEEFRAGLRKDGLGLPTSTPDLAVVVLPEEFQNDEMWREEIAGLTRPNQILLSGAYQRLQGRVQPGEISLAVA
FKRSLRSDRLYQPLYEANVMQLLLEGKLGAPKVEFEVHTLAPEGTNAFVTYEAASLYGLAEGRSAVHRAIRELYVPPTAA
DLARRFFAFLNERMELVNGENLYFQSHHHHHH
;
_entity_poly.pdbx_strand_id   A,B
#
# COMPACT_ATOMS: atom_id res chain seq x y z
N PRO A 2 37.51 -13.94 -3.95
CA PRO A 2 36.65 -15.07 -4.33
C PRO A 2 35.39 -15.15 -3.47
N PHE A 3 34.55 -16.15 -3.71
CA PHE A 3 33.40 -16.36 -2.85
C PHE A 3 33.85 -16.65 -1.42
N THR A 4 34.83 -17.53 -1.27
CA THR A 4 35.50 -17.72 0.01
C THR A 4 36.60 -16.67 0.15
N TYR A 5 36.68 -16.05 1.33
CA TYR A 5 37.66 -15.00 1.55
C TYR A 5 39.07 -15.54 1.40
N SER A 6 39.92 -14.76 0.73
CA SER A 6 41.31 -15.12 0.49
C SER A 6 42.20 -13.97 0.93
N ILE A 7 43.16 -14.27 1.80
CA ILE A 7 44.09 -13.24 2.26
C ILE A 7 45.01 -12.80 1.13
N GLU A 8 45.45 -13.76 0.31
CA GLU A 8 46.35 -13.42 -0.79
C GLU A 8 45.64 -12.59 -1.86
N ALA A 9 44.38 -12.93 -2.17
CA ALA A 9 43.64 -12.17 -3.15
C ALA A 9 43.35 -10.76 -2.65
N THR A 10 43.05 -10.61 -1.36
CA THR A 10 42.82 -9.29 -0.80
C THR A 10 44.11 -8.46 -0.81
N ARG A 11 45.25 -9.10 -0.55
CA ARG A 11 46.52 -8.38 -0.57
C ARG A 11 46.89 -7.92 -1.98
N ASN A 12 46.51 -8.69 -3.00
CA ASN A 12 46.79 -8.33 -4.39
C ASN A 12 45.85 -7.25 -4.91
N LEU A 13 44.82 -6.88 -4.14
CA LEU A 13 43.86 -5.89 -4.61
C LEU A 13 44.47 -4.50 -4.62
N ALA A 14 44.31 -3.79 -5.74
CA ALA A 14 44.69 -2.39 -5.78
C ALA A 14 43.70 -1.56 -4.94
N THR A 15 44.07 -0.30 -4.69
CA THR A 15 43.24 0.55 -3.86
C THR A 15 41.87 0.78 -4.48
N THR A 16 41.80 0.82 -5.82
CA THR A 16 40.52 0.98 -6.50
C THR A 16 39.69 -0.30 -6.50
N GLU A 17 40.28 -1.45 -6.16
CA GLU A 17 39.57 -2.72 -6.12
C GLU A 17 39.14 -3.13 -4.72
N ARG A 18 39.54 -2.40 -3.69
CA ARG A 18 39.25 -2.80 -2.31
C ARG A 18 37.75 -2.70 -2.04
N CYS A 19 37.22 -3.70 -1.35
CA CYS A 19 35.80 -3.73 -1.02
C CYS A 19 35.43 -2.66 0.00
N ILE A 20 36.39 -2.17 0.77
CA ILE A 20 36.17 -1.10 1.75
C ILE A 20 36.91 0.14 1.26
N GLN A 21 36.17 1.22 1.08
CA GLN A 21 36.74 2.50 0.64
C GLN A 21 36.90 3.42 1.83
N ASP A 22 38.14 3.81 2.11
CA ASP A 22 38.45 4.72 3.21
C ASP A 22 38.17 6.15 2.75
N ILE A 23 37.26 6.83 3.44
CA ILE A 23 36.93 8.21 3.12
C ILE A 23 37.23 9.11 4.32
N GLN A 34 35.32 7.66 8.64
CA GLN A 34 34.22 6.87 8.10
C GLN A 34 34.71 5.98 6.95
N PHE A 35 33.95 4.92 6.66
CA PHE A 35 34.32 3.98 5.62
C PHE A 35 33.08 3.64 4.79
N GLN A 36 33.32 3.29 3.53
CA GLN A 36 32.25 3.02 2.58
C GLN A 36 32.34 1.60 2.05
N LEU A 37 31.18 0.99 1.84
CA LEU A 37 31.09 -0.36 1.26
C LEU A 37 31.00 -0.21 -0.25
N ALA A 38 32.10 -0.49 -0.95
CA ALA A 38 32.15 -0.40 -2.41
C ALA A 38 31.52 -1.66 -2.99
N GLN A 39 30.20 -1.61 -3.19
CA GLN A 39 29.48 -2.82 -3.59
C GLN A 39 29.90 -3.31 -4.97
N GLN A 40 30.37 -2.41 -5.85
CA GLN A 40 30.85 -2.83 -7.15
C GLN A 40 32.08 -3.73 -7.02
N ASN A 41 33.00 -3.37 -6.12
CA ASN A 41 34.15 -4.22 -5.86
C ASN A 41 33.78 -5.42 -5.00
N MET A 42 32.77 -5.29 -4.14
CA MET A 42 32.31 -6.43 -3.34
C MET A 42 31.74 -7.52 -4.23
N LEU A 43 30.98 -7.14 -5.25
CA LEU A 43 30.45 -8.13 -6.19
C LEU A 43 31.54 -8.74 -7.04
N ALA A 44 32.50 -7.91 -7.50
CA ALA A 44 33.59 -8.41 -8.32
C ALA A 44 34.53 -9.30 -7.52
N TYR A 45 34.69 -9.03 -6.22
CA TYR A 45 35.53 -9.88 -5.39
C TYR A 45 34.83 -11.18 -5.04
N THR A 46 33.58 -11.10 -4.58
CA THR A 46 32.87 -12.28 -4.11
C THR A 46 32.32 -13.11 -5.27
N PHE A 47 31.68 -12.46 -6.24
CA PHE A 47 31.02 -13.15 -7.34
C PHE A 47 31.68 -12.87 -8.68
N GLY A 48 32.98 -12.56 -8.68
CA GLY A 48 33.67 -12.28 -9.93
C GLY A 48 33.74 -13.48 -10.85
N GLU A 49 33.75 -14.69 -10.28
CA GLU A 49 33.78 -15.92 -11.07
C GLU A 49 32.65 -16.86 -10.71
N VAL A 50 31.66 -16.41 -9.93
CA VAL A 50 30.60 -17.26 -9.43
C VAL A 50 29.26 -16.56 -9.64
N ILE A 51 28.40 -17.15 -10.46
CA ILE A 51 27.00 -16.75 -10.54
C ILE A 51 26.18 -17.80 -9.78
N PRO A 52 25.59 -17.46 -8.63
CA PRO A 52 24.88 -18.47 -7.84
C PRO A 52 23.78 -19.14 -8.65
N GLY A 53 23.65 -20.46 -8.47
CA GLY A 53 22.77 -21.26 -9.28
C GLY A 53 23.40 -21.77 -10.57
N PHE A 54 24.45 -21.11 -11.05
CA PHE A 54 25.18 -21.52 -12.25
C PHE A 54 26.64 -21.84 -11.95
N ALA A 55 26.96 -22.17 -10.70
CA ALA A 55 28.33 -22.46 -10.30
C ALA A 55 28.46 -23.86 -9.75
N SER A 56 29.24 -24.03 -8.68
CA SER A 56 29.45 -25.34 -8.10
C SER A 56 28.19 -25.82 -7.37
N ALA A 57 28.11 -27.14 -7.20
CA ALA A 57 26.94 -27.73 -6.55
C ALA A 57 26.78 -27.24 -5.11
N GLY A 58 27.90 -26.99 -4.42
CA GLY A 58 27.81 -26.47 -3.06
C GLY A 58 27.25 -25.06 -3.01
N ILE A 59 27.63 -24.22 -3.97
CA ILE A 59 27.13 -22.85 -4.01
C ILE A 59 25.69 -22.82 -4.50
N ASN A 60 25.36 -23.65 -5.50
CA ASN A 60 24.01 -23.67 -6.05
C ASN A 60 22.99 -24.12 -5.00
N GLY A 61 23.37 -25.05 -4.14
CA GLY A 61 22.51 -25.54 -3.10
C GLY A 61 22.66 -24.86 -1.76
N MET A 62 23.52 -23.84 -1.65
CA MET A 62 23.73 -23.16 -0.39
C MET A 62 22.51 -22.30 -0.04
N ASP A 63 22.32 -22.08 1.26
CA ASP A 63 21.26 -21.18 1.72
C ASP A 63 21.45 -19.80 1.10
N TYR A 64 20.40 -19.30 0.45
CA TYR A 64 20.51 -18.07 -0.32
C TYR A 64 20.82 -16.87 0.57
N ARG A 65 20.39 -16.90 1.84
CA ARG A 65 20.73 -15.82 2.76
C ARG A 65 22.23 -15.77 3.02
N ASP A 66 22.89 -16.93 3.12
CA ASP A 66 24.33 -16.96 3.29
C ASP A 66 25.05 -16.55 2.02
N VAL A 67 24.45 -16.83 0.86
CA VAL A 67 25.05 -16.40 -0.40
C VAL A 67 24.95 -14.90 -0.56
N ILE A 68 23.80 -14.32 -0.22
CA ILE A 68 23.61 -12.88 -0.35
C ILE A 68 24.44 -12.14 0.69
N GLY A 69 24.59 -12.72 1.88
CA GLY A 69 25.34 -12.06 2.94
C GLY A 69 26.84 -12.19 2.86
N ARG A 70 27.35 -12.96 1.90
CA ARG A 70 28.78 -13.22 1.77
C ARG A 70 29.57 -11.97 1.38
N PRO A 71 29.12 -11.16 0.41
CA PRO A 71 29.91 -9.96 0.07
C PRO A 71 30.11 -9.00 1.23
N VAL A 72 29.07 -8.80 2.05
CA VAL A 72 29.22 -7.94 3.23
C VAL A 72 30.17 -8.59 4.24
N GLU A 73 30.05 -9.89 4.42
CA GLU A 73 30.95 -10.59 5.34
C GLU A 73 32.40 -10.54 4.85
N ASN A 74 32.61 -10.67 3.54
CA ASN A 74 33.95 -10.55 3.00
C ASN A 74 34.48 -9.13 3.13
N ALA A 75 33.62 -8.13 2.94
CA ALA A 75 34.06 -6.74 3.06
C ALA A 75 34.42 -6.40 4.49
N VAL A 76 33.64 -6.89 5.46
CA VAL A 76 33.93 -6.64 6.87
C VAL A 76 35.28 -7.24 7.24
N THR A 77 35.59 -8.43 6.69
CA THR A 77 36.88 -9.05 6.96
C THR A 77 38.03 -8.23 6.37
N GLU A 78 37.82 -7.66 5.18
CA GLU A 78 38.86 -6.83 4.58
C GLU A 78 39.07 -5.55 5.37
N GLY A 79 37.99 -4.89 5.79
CA GLY A 79 38.13 -3.67 6.56
C GLY A 79 38.78 -3.91 7.91
N THR A 80 38.48 -5.05 8.54
CA THR A 80 39.15 -5.41 9.79
C THR A 80 40.63 -5.67 9.56
N HIS A 81 40.99 -6.24 8.41
CA HIS A 81 42.38 -6.55 8.13
C HIS A 81 43.21 -5.29 7.95
N PHE A 82 42.70 -4.32 7.19
CA PHE A 82 43.45 -3.11 6.87
C PHE A 82 43.37 -2.04 7.94
N PHE A 83 42.22 -1.88 8.59
CA PHE A 83 42.03 -0.78 9.53
C PHE A 83 41.84 -1.21 10.98
N ARG A 84 41.61 -2.49 11.24
CA ARG A 84 41.49 -3.04 12.60
C ARG A 84 40.33 -2.33 13.31
N ASP A 85 40.52 -1.83 14.53
CA ASP A 85 39.40 -1.25 15.27
C ASP A 85 38.96 0.11 14.72
N ASP A 86 39.75 0.74 13.85
CA ASP A 86 39.29 1.97 13.23
C ASP A 86 38.12 1.71 12.28
N PHE A 87 38.07 0.53 11.67
CA PHE A 87 37.01 0.20 10.74
C PHE A 87 35.67 0.12 11.47
N ARG A 88 34.68 0.86 10.97
CA ARG A 88 33.36 0.88 11.58
C ARG A 88 32.34 1.32 10.54
N VAL A 89 31.32 0.49 10.33
CA VAL A 89 30.19 0.82 9.47
C VAL A 89 28.91 0.60 10.25
N ASP A 90 27.90 1.41 9.95
CA ASP A 90 26.63 1.31 10.65
C ASP A 90 25.81 0.14 10.12
N SER A 91 24.87 -0.32 10.95
CA SER A 91 23.96 -1.38 10.51
C SER A 91 23.05 -0.89 9.39
N ASN A 92 22.78 0.42 9.34
CA ASN A 92 21.97 0.96 8.25
C ASN A 92 22.70 0.87 6.92
N ALA A 93 24.02 1.08 6.93
CA ALA A 93 24.80 0.97 5.69
C ALA A 93 24.92 -0.49 5.25
N LYS A 94 25.14 -1.40 6.19
CA LYS A 94 25.21 -2.82 5.85
C LYS A 94 23.86 -3.35 5.39
N ALA A 95 22.76 -2.72 5.82
CA ALA A 95 21.44 -3.17 5.40
C ALA A 95 21.12 -2.73 3.97
N LYS A 96 21.44 -1.49 3.63
CA LYS A 96 21.13 -0.99 2.30
C LYS A 96 21.98 -1.68 1.23
N VAL A 97 23.24 -1.98 1.56
CA VAL A 97 24.09 -2.68 0.60
C VAL A 97 23.63 -4.11 0.40
N ALA A 98 23.26 -4.79 1.50
CA ALA A 98 22.77 -6.16 1.39
C ALA A 98 21.50 -6.22 0.56
N GLY A 99 20.64 -5.22 0.68
CA GLY A 99 19.44 -5.17 -0.15
C GLY A 99 19.77 -4.95 -1.61
N ASP A 100 20.78 -4.12 -1.90
CA ASP A 100 21.20 -3.93 -3.28
C ASP A 100 21.83 -5.20 -3.84
N ILE A 101 22.63 -5.90 -3.04
CA ILE A 101 23.23 -7.15 -3.48
C ILE A 101 22.17 -8.21 -3.71
N PHE A 102 21.14 -8.25 -2.84
CA PHE A 102 20.06 -9.21 -3.01
C PHE A 102 19.37 -9.02 -4.35
N GLU A 103 19.18 -7.78 -4.78
CA GLU A 103 18.55 -7.51 -6.06
C GLU A 103 19.50 -7.78 -7.23
N ILE A 104 20.77 -7.37 -7.11
CA ILE A 104 21.70 -7.51 -8.22
C ILE A 104 22.04 -8.98 -8.45
N VAL A 105 22.31 -9.73 -7.39
CA VAL A 105 22.66 -11.13 -7.54
C VAL A 105 21.49 -11.93 -8.10
N SER A 106 20.28 -11.69 -7.58
CA SER A 106 19.11 -12.41 -8.08
C SER A 106 18.84 -12.06 -9.53
N SER A 107 19.06 -10.80 -9.91
CA SER A 107 18.89 -10.41 -11.31
C SER A 107 19.93 -11.08 -12.20
N ALA A 108 21.14 -11.32 -11.68
CA ALA A 108 22.16 -12.01 -12.46
C ALA A 108 21.80 -13.48 -12.66
N VAL A 109 21.15 -14.10 -11.68
CA VAL A 109 20.68 -15.48 -11.84
C VAL A 109 19.63 -15.54 -12.94
N MET A 110 18.67 -14.60 -12.91
CA MET A 110 17.65 -14.58 -13.95
C MET A 110 18.24 -14.23 -15.32
N TRP A 111 19.31 -13.44 -15.34
CA TRP A 111 19.96 -13.11 -16.60
C TRP A 111 20.54 -14.36 -17.26
N ASN A 112 21.24 -15.18 -16.48
CA ASN A 112 21.79 -16.42 -17.02
C ASN A 112 20.69 -17.42 -17.36
N CYS A 113 19.58 -17.38 -16.63
CA CYS A 113 18.44 -18.21 -16.99
C CYS A 113 17.89 -17.83 -18.35
N ALA A 114 17.73 -16.52 -18.59
CA ALA A 114 17.24 -16.06 -19.89
C ALA A 114 18.23 -16.40 -21.00
N ALA A 115 19.54 -16.27 -20.71
CA ALA A 115 20.55 -16.60 -21.72
C ALA A 115 20.48 -18.07 -22.12
N ARG A 116 20.38 -18.97 -21.13
CA ARG A 116 20.21 -20.38 -21.44
C ARG A 116 18.86 -20.65 -22.08
N TRP A 117 17.83 -19.91 -21.69
CA TRP A 117 16.52 -20.04 -22.31
C TRP A 117 16.56 -19.57 -23.77
N ASN A 118 17.15 -18.41 -24.01
CA ASN A 118 17.22 -17.87 -25.37
C ASN A 118 18.06 -18.77 -26.28
N SER A 119 19.12 -19.39 -25.74
CA SER A 119 19.91 -20.31 -26.52
C SER A 119 19.07 -21.50 -26.97
N LEU A 120 18.21 -22.02 -26.09
CA LEU A 120 17.33 -23.12 -26.45
C LEU A 120 16.29 -22.68 -27.48
N MET A 121 15.80 -21.45 -27.35
CA MET A 121 14.74 -20.98 -28.25
C MET A 121 15.22 -20.85 -29.69
N VAL A 122 16.48 -20.46 -29.89
CA VAL A 122 17.01 -20.30 -31.25
C VAL A 122 17.55 -21.60 -31.82
N GLY A 123 17.41 -22.71 -31.10
CA GLY A 123 17.84 -23.99 -31.60
C GLY A 123 19.27 -24.38 -31.27
N GLU A 124 19.86 -23.81 -30.22
CA GLU A 124 21.22 -24.13 -29.83
C GLU A 124 21.29 -25.15 -28.69
N GLY A 125 20.22 -25.92 -28.50
CA GLY A 125 20.23 -26.96 -27.49
C GLY A 125 20.04 -26.44 -26.08
N TRP A 126 20.29 -27.32 -25.12
CA TRP A 126 20.10 -27.04 -23.71
C TRP A 126 21.42 -27.30 -22.98
N ARG A 127 22.02 -26.24 -22.45
CA ARG A 127 23.26 -26.39 -21.70
C ARG A 127 23.03 -27.21 -20.44
N SER A 128 24.00 -28.06 -20.11
CA SER A 128 23.81 -29.09 -19.10
C SER A 128 24.59 -28.86 -17.82
N GLN A 129 25.40 -27.81 -17.73
CA GLN A 129 26.22 -27.54 -16.55
C GLN A 129 25.89 -26.17 -15.97
N PRO A 130 25.25 -26.08 -14.79
CA PRO A 130 24.76 -27.23 -14.03
C PRO A 130 23.48 -27.82 -14.60
N ARG A 131 23.00 -28.92 -14.01
CA ARG A 131 21.89 -29.67 -14.59
C ARG A 131 20.57 -29.06 -14.15
N TYR A 132 19.76 -28.64 -15.12
CA TYR A 132 18.38 -28.22 -14.89
C TYR A 132 17.49 -28.95 -15.87
N SER A 133 16.22 -29.10 -15.50
CA SER A 133 15.26 -29.80 -16.36
C SER A 133 15.05 -29.04 -17.65
N ARG A 134 15.17 -29.74 -18.77
CA ARG A 134 15.02 -29.12 -20.08
C ARG A 134 13.56 -28.71 -20.28
N PRO A 135 13.29 -27.46 -20.65
CA PRO A 135 11.90 -27.04 -20.87
C PRO A 135 11.25 -27.81 -22.00
N THR A 136 9.96 -28.11 -21.83
CA THR A 136 9.21 -28.87 -22.81
C THR A 136 8.57 -28.00 -23.89
N LEU A 137 8.58 -26.68 -23.71
CA LEU A 137 7.99 -25.80 -24.71
C LEU A 137 8.76 -25.86 -26.01
N SER A 138 8.04 -25.86 -27.12
CA SER A 138 8.67 -25.92 -28.43
C SER A 138 9.52 -24.67 -28.66
N PRO A 139 10.78 -24.82 -29.07
CA PRO A 139 11.64 -23.65 -29.24
C PRO A 139 11.16 -22.75 -30.38
N SER A 140 11.44 -21.46 -30.22
CA SER A 140 11.11 -20.45 -31.23
C SER A 140 11.89 -19.18 -30.94
N PRO A 141 12.51 -18.57 -31.95
CA PRO A 141 13.22 -17.31 -31.70
C PRO A 141 12.32 -16.20 -31.19
N ARG A 142 11.03 -16.24 -31.52
CA ARG A 142 10.09 -15.22 -31.05
C ARG A 142 9.73 -15.38 -29.58
N ARG A 143 10.21 -16.45 -28.93
CA ARG A 143 9.95 -16.68 -27.51
C ARG A 143 11.15 -16.34 -26.63
N GLN A 144 12.13 -15.61 -27.17
CA GLN A 144 13.24 -15.15 -26.36
C GLN A 144 12.81 -14.02 -25.44
N VAL A 145 13.47 -13.93 -24.29
CA VAL A 145 13.15 -12.92 -23.28
C VAL A 145 14.41 -12.14 -22.92
N ALA A 146 14.19 -11.01 -22.25
CA ALA A 146 15.27 -10.16 -21.76
C ALA A 146 14.98 -9.77 -20.32
N VAL A 147 15.96 -9.96 -19.45
CA VAL A 147 15.84 -9.60 -18.04
C VAL A 147 16.40 -8.20 -17.86
N LEU A 148 15.56 -7.28 -17.38
CA LEU A 148 15.91 -5.86 -17.31
C LEU A 148 15.88 -5.41 -15.84
N ASN A 149 17.06 -5.26 -15.25
CA ASN A 149 17.18 -4.61 -13.96
C ASN A 149 16.92 -3.11 -14.14
N LEU A 150 15.83 -2.62 -13.55
CA LEU A 150 15.45 -1.24 -13.82
C LEU A 150 16.00 -0.30 -12.76
N PRO A 151 16.57 0.85 -13.15
CA PRO A 151 17.11 1.78 -12.17
C PRO A 151 16.01 2.35 -11.27
N ARG A 152 16.45 3.02 -10.21
CA ARG A 152 15.51 3.61 -9.26
C ARG A 152 14.73 4.75 -9.90
N SER A 153 13.43 4.80 -9.62
CA SER A 153 12.53 5.82 -10.15
C SER A 153 12.55 5.83 -11.68
N PHE A 154 12.62 4.65 -12.27
CA PHE A 154 12.61 4.49 -13.73
C PHE A 154 11.18 4.35 -14.22
N ASP A 155 10.84 5.09 -15.26
CA ASP A 155 9.51 5.05 -15.87
C ASP A 155 9.48 3.90 -16.87
N TRP A 156 8.83 2.80 -16.52
CA TRP A 156 8.75 1.65 -17.40
C TRP A 156 7.96 1.93 -18.68
N VAL A 157 7.20 3.04 -18.72
CA VAL A 157 6.52 3.42 -19.95
C VAL A 157 7.52 3.72 -21.05
N SER A 158 8.72 4.19 -20.69
CA SER A 158 9.74 4.48 -21.69
C SER A 158 10.24 3.23 -22.40
N LEU A 159 9.97 2.05 -21.85
CA LEU A 159 10.31 0.81 -22.56
C LEU A 159 9.41 0.60 -23.76
N LEU A 160 8.20 1.15 -23.74
CA LEU A 160 7.20 0.87 -24.75
C LEU A 160 7.50 1.60 -26.05
N VAL A 161 6.97 1.06 -27.15
CA VAL A 161 7.12 1.65 -28.48
C VAL A 161 6.45 3.02 -28.48
N PRO A 162 6.85 3.93 -29.37
CA PRO A 162 6.30 5.30 -29.31
C PRO A 162 4.78 5.38 -29.40
N GLU A 163 4.16 4.57 -30.25
CA GLU A 163 2.70 4.64 -30.39
C GLU A 163 1.98 4.22 -29.11
N SER A 164 2.62 3.41 -28.27
CA SER A 164 2.02 3.04 -26.99
C SER A 164 2.32 4.08 -25.91
N GLN A 165 3.46 4.76 -26.00
CA GLN A 165 3.74 5.87 -25.09
C GLN A 165 2.78 7.03 -25.32
N GLU A 166 2.36 7.23 -26.58
CA GLU A 166 1.43 8.32 -26.87
C GLU A 166 0.05 8.03 -26.32
N VAL A 167 -0.36 6.76 -26.32
CA VAL A 167 -1.65 6.39 -25.71
C VAL A 167 -1.63 6.70 -24.22
N ILE A 168 -0.53 6.36 -23.55
CA ILE A 168 -0.41 6.66 -22.12
C ILE A 168 -0.32 8.16 -21.90
N GLU A 169 0.42 8.87 -22.76
CA GLU A 169 0.57 10.31 -22.58
C GLU A 169 -0.76 11.03 -22.79
N GLU A 170 -1.53 10.63 -23.80
CA GLU A 170 -2.85 11.21 -24.00
C GLU A 170 -3.80 10.84 -22.86
N PHE A 171 -3.66 9.62 -22.34
CA PHE A 171 -4.49 9.21 -21.21
C PHE A 171 -4.13 9.97 -19.94
N ARG A 172 -2.83 10.19 -19.71
CA ARG A 172 -2.42 10.99 -18.55
C ARG A 172 -2.88 12.43 -18.69
N ALA A 173 -2.81 12.99 -19.90
CA ALA A 173 -3.20 14.37 -20.10
C ALA A 173 -4.71 14.56 -19.89
N GLY A 174 -5.52 13.63 -20.37
CA GLY A 174 -6.96 13.74 -20.17
C GLY A 174 -7.35 13.64 -18.72
N LEU A 175 -6.66 12.79 -17.95
CA LEU A 175 -6.94 12.69 -16.52
C LEU A 175 -6.53 13.96 -15.79
N ARG A 176 -5.43 14.58 -16.20
CA ARG A 176 -4.97 15.81 -15.56
C ARG A 176 -5.97 16.94 -15.76
N LYS A 177 -6.64 16.99 -16.92
CA LYS A 177 -7.63 18.02 -17.17
C LYS A 177 -8.82 17.92 -16.22
N ASP A 178 -9.08 16.73 -15.68
CA ASP A 178 -10.15 16.52 -14.72
C ASP A 178 -9.65 16.45 -13.28
N GLY A 179 -8.43 16.95 -13.03
CA GLY A 179 -7.88 16.91 -11.69
C GLY A 179 -7.50 15.52 -11.19
N LEU A 180 -7.32 14.57 -12.10
CA LEU A 180 -6.99 13.20 -11.76
C LEU A 180 -5.54 12.91 -12.11
N GLY A 181 -4.87 12.11 -11.28
CA GLY A 181 -3.48 11.74 -11.51
C GLY A 181 -3.37 10.33 -12.04
N LEU A 182 -2.42 10.12 -12.94
CA LEU A 182 -2.15 8.79 -13.46
C LEU A 182 -1.50 7.95 -12.37
N PRO A 183 -2.06 6.80 -12.02
CA PRO A 183 -1.44 5.97 -10.98
C PRO A 183 -0.03 5.54 -11.36
N THR A 184 0.86 5.60 -10.38
CA THR A 184 2.28 5.32 -10.59
C THR A 184 2.64 3.91 -10.11
N SER A 185 3.72 3.38 -10.68
CA SER A 185 4.20 2.05 -10.34
C SER A 185 5.65 1.94 -10.79
N THR A 186 6.50 1.40 -9.91
CA THR A 186 7.93 1.32 -10.18
C THR A 186 8.48 -0.03 -9.73
N PRO A 187 8.47 -1.03 -10.62
CA PRO A 187 9.09 -2.31 -10.28
C PRO A 187 10.60 -2.24 -10.36
N ASP A 188 11.25 -3.13 -9.60
CA ASP A 188 12.71 -3.19 -9.61
C ASP A 188 13.23 -3.89 -10.85
N LEU A 189 12.46 -4.81 -11.43
CA LEU A 189 12.92 -5.60 -12.56
C LEU A 189 11.73 -5.95 -13.44
N ALA A 190 11.98 -6.09 -14.73
CA ALA A 190 10.95 -6.46 -15.70
C ALA A 190 11.50 -7.51 -16.65
N VAL A 191 10.69 -8.53 -16.92
CA VAL A 191 11.00 -9.56 -17.91
C VAL A 191 10.10 -9.32 -19.11
N VAL A 192 10.70 -9.09 -20.28
CA VAL A 192 9.97 -8.76 -21.49
C VAL A 192 10.39 -9.69 -22.61
N VAL A 193 9.50 -9.86 -23.58
CA VAL A 193 9.83 -10.62 -24.78
C VAL A 193 10.87 -9.85 -25.56
N LEU A 194 11.90 -10.56 -26.03
CA LEU A 194 12.98 -9.91 -26.77
C LEU A 194 12.44 -9.31 -28.06
N PRO A 195 12.73 -8.04 -28.35
CA PRO A 195 12.26 -7.45 -29.60
C PRO A 195 12.75 -8.23 -30.81
N GLU A 196 11.95 -8.19 -31.88
CA GLU A 196 12.24 -8.99 -33.06
C GLU A 196 13.57 -8.61 -33.69
N GLU A 197 13.92 -7.32 -33.64
CA GLU A 197 15.18 -6.88 -34.23
C GLU A 197 16.40 -7.34 -33.44
N PHE A 198 16.21 -7.91 -32.25
CA PHE A 198 17.31 -8.39 -31.43
C PHE A 198 17.32 -9.90 -31.26
N GLN A 199 16.42 -10.61 -31.96
CA GLN A 199 16.29 -12.05 -31.79
C GLN A 199 17.39 -12.84 -32.48
N ASN A 200 18.36 -12.17 -33.10
CA ASN A 200 19.54 -12.84 -33.66
C ASN A 200 20.83 -12.28 -33.09
N ASP A 201 20.76 -11.46 -32.05
CA ASP A 201 21.95 -10.94 -31.38
C ASP A 201 22.37 -11.92 -30.29
N GLU A 202 23.61 -12.41 -30.38
CA GLU A 202 24.10 -13.46 -29.50
C GLU A 202 24.29 -13.00 -28.07
N MET A 203 24.29 -11.69 -27.81
CA MET A 203 24.54 -11.20 -26.46
C MET A 203 23.46 -11.67 -25.48
N TRP A 204 22.22 -11.85 -25.95
CA TRP A 204 21.14 -12.28 -25.09
C TRP A 204 21.15 -13.78 -24.82
N ARG A 205 22.04 -14.53 -25.48
CA ARG A 205 22.16 -15.97 -25.24
C ARG A 205 23.37 -16.32 -24.40
N GLU A 206 24.32 -15.39 -24.22
CA GLU A 206 25.56 -15.69 -23.53
C GLU A 206 25.38 -15.57 -22.02
N GLU A 207 25.66 -16.65 -21.30
CA GLU A 207 25.69 -16.59 -19.84
C GLU A 207 26.98 -15.96 -19.36
N ILE A 208 26.89 -15.16 -18.31
CA ILE A 208 28.07 -14.52 -17.74
C ILE A 208 28.70 -15.46 -16.73
N ALA A 209 30.03 -15.46 -16.69
CA ALA A 209 30.76 -16.33 -15.78
C ALA A 209 30.84 -15.79 -14.37
N GLY A 210 30.63 -14.49 -14.19
CA GLY A 210 30.67 -13.90 -12.86
C GLY A 210 30.27 -12.44 -12.94
N LEU A 211 30.10 -11.85 -11.76
CA LEU A 211 29.71 -10.45 -11.65
C LEU A 211 30.93 -9.54 -11.67
N THR A 212 31.67 -9.62 -12.78
CA THR A 212 32.77 -8.71 -13.00
C THR A 212 32.23 -7.31 -13.32
N ARG A 213 33.11 -6.31 -13.24
CA ARG A 213 32.69 -4.94 -13.49
C ARG A 213 32.10 -4.73 -14.88
N PRO A 214 32.67 -5.28 -15.97
CA PRO A 214 31.97 -5.17 -17.27
C PRO A 214 30.63 -5.89 -17.28
N ASN A 215 30.49 -7.00 -16.56
CA ASN A 215 29.21 -7.70 -16.54
C ASN A 215 28.18 -6.98 -15.69
N GLN A 216 28.61 -6.30 -14.63
CA GLN A 216 27.69 -5.48 -13.85
C GLN A 216 27.11 -4.35 -14.70
N ILE A 217 27.94 -3.74 -15.53
CA ILE A 217 27.48 -2.66 -16.41
C ILE A 217 26.56 -3.22 -17.49
N LEU A 218 26.86 -4.42 -17.99
CA LEU A 218 26.02 -5.03 -19.03
C LEU A 218 24.62 -5.31 -18.51
N LEU A 219 24.50 -5.83 -17.29
CA LEU A 219 23.20 -6.19 -16.75
C LEU A 219 22.42 -4.97 -16.27
N SER A 220 23.10 -4.03 -15.60
CA SER A 220 22.40 -2.87 -15.06
C SER A 220 22.01 -1.87 -16.14
N GLY A 221 22.63 -1.91 -17.31
CA GLY A 221 22.35 -1.00 -18.39
C GLY A 221 21.58 -1.60 -19.54
N ALA A 222 21.19 -2.87 -19.44
CA ALA A 222 20.50 -3.54 -20.54
C ALA A 222 19.14 -2.92 -20.84
N TYR A 223 18.53 -2.23 -19.88
CA TYR A 223 17.23 -1.60 -20.10
C TYR A 223 17.31 -0.50 -21.15
N GLN A 224 18.46 0.17 -21.27
CA GLN A 224 18.60 1.22 -22.27
C GLN A 224 18.51 0.67 -23.69
N ARG A 225 18.90 -0.59 -23.89
CA ARG A 225 18.90 -1.14 -25.25
C ARG A 225 17.49 -1.39 -25.75
N LEU A 226 16.53 -1.59 -24.84
CA LEU A 226 15.15 -1.91 -25.22
C LEU A 226 14.20 -0.73 -25.07
N GLN A 227 14.70 0.45 -24.71
CA GLN A 227 13.84 1.61 -24.57
C GLN A 227 13.21 1.97 -25.90
N GLY A 228 11.89 2.14 -25.89
CA GLY A 228 11.17 2.48 -27.11
C GLY A 228 11.02 1.34 -28.09
N ARG A 229 11.21 0.10 -27.65
CA ARG A 229 11.18 -1.04 -28.56
C ARG A 229 10.29 -2.18 -28.10
N VAL A 230 9.61 -2.05 -26.97
CA VAL A 230 8.85 -3.15 -26.37
C VAL A 230 7.37 -2.90 -26.61
N GLN A 231 6.68 -3.91 -27.14
CA GLN A 231 5.23 -3.85 -27.21
C GLN A 231 4.63 -4.06 -25.82
N PRO A 232 3.50 -3.42 -25.52
CA PRO A 232 2.90 -3.58 -24.18
C PRO A 232 2.60 -5.02 -23.83
N GLY A 233 2.11 -5.80 -24.79
CA GLY A 233 1.82 -7.20 -24.54
C GLY A 233 3.06 -8.07 -24.35
N GLU A 234 4.24 -7.54 -24.63
CA GLU A 234 5.48 -8.29 -24.46
C GLU A 234 6.04 -8.19 -23.04
N ILE A 235 5.43 -7.39 -22.18
CA ILE A 235 5.81 -7.33 -20.78
C ILE A 235 5.07 -8.45 -20.04
N SER A 236 5.82 -9.37 -19.44
CA SER A 236 5.22 -10.55 -18.83
C SER A 236 5.37 -10.62 -17.32
N LEU A 237 6.47 -10.12 -16.76
CA LEU A 237 6.72 -10.27 -15.33
C LEU A 237 7.44 -9.04 -14.79
N ALA A 238 7.00 -8.58 -13.63
CA ALA A 238 7.66 -7.51 -12.89
C ALA A 238 8.00 -8.02 -11.49
N VAL A 239 9.17 -7.63 -10.99
CA VAL A 239 9.69 -8.13 -9.73
C VAL A 239 10.03 -6.96 -8.81
N ALA A 240 9.67 -7.09 -7.54
CA ALA A 240 10.06 -6.13 -6.50
C ALA A 240 10.87 -6.85 -5.45
N PHE A 241 12.03 -6.30 -5.11
CA PHE A 241 12.94 -6.91 -4.16
C PHE A 241 12.86 -6.18 -2.82
N LYS A 242 12.45 -6.90 -1.78
CA LYS A 242 12.40 -6.39 -0.41
C LYS A 242 13.17 -7.38 0.45
N ARG A 243 14.39 -7.01 0.85
CA ARG A 243 15.23 -7.94 1.61
C ARG A 243 14.56 -8.36 2.91
N SER A 244 13.81 -7.45 3.53
CA SER A 244 13.05 -7.75 4.75
C SER A 244 11.68 -7.12 4.59
N LEU A 245 10.70 -7.91 4.16
CA LEU A 245 9.35 -7.42 3.93
C LEU A 245 8.67 -7.18 5.27
N ARG A 246 8.68 -5.93 5.72
CA ARG A 246 8.05 -5.57 6.99
C ARG A 246 6.53 -5.58 6.88
N ARG A 249 5.02 -1.76 4.95
CA ARG A 249 5.69 -1.84 3.66
C ARG A 249 5.12 -2.98 2.82
N LEU A 250 3.86 -3.30 3.06
CA LEU A 250 3.20 -4.43 2.40
C LEU A 250 2.37 -4.03 1.20
N TYR A 251 1.75 -2.85 1.22
CA TYR A 251 0.71 -2.51 0.25
C TYR A 251 1.20 -1.71 -0.94
N GLN A 252 2.41 -1.14 -0.90
CA GLN A 252 2.90 -0.42 -2.07
C GLN A 252 3.14 -1.36 -3.25
N PRO A 253 3.83 -2.50 -3.09
CA PRO A 253 3.94 -3.42 -4.25
C PRO A 253 2.59 -3.98 -4.68
N LEU A 254 1.70 -4.27 -3.73
CA LEU A 254 0.38 -4.76 -4.07
C LEU A 254 -0.42 -3.73 -4.86
N TYR A 255 -0.33 -2.46 -4.48
CA TYR A 255 -1.01 -1.41 -5.22
C TYR A 255 -0.37 -1.20 -6.58
N GLU A 256 0.95 -1.09 -6.63
CA GLU A 256 1.63 -0.84 -7.90
C GLU A 256 1.53 -2.03 -8.85
N ALA A 257 1.34 -3.25 -8.32
CA ALA A 257 1.08 -4.38 -9.19
C ALA A 257 -0.26 -4.24 -9.88
N ASN A 258 -1.29 -3.79 -9.15
CA ASN A 258 -2.59 -3.54 -9.77
C ASN A 258 -2.52 -2.38 -10.76
N VAL A 259 -1.66 -1.40 -10.50
CA VAL A 259 -1.52 -0.27 -11.42
C VAL A 259 -0.93 -0.74 -12.74
N MET A 260 0.11 -1.57 -12.69
CA MET A 260 0.72 -2.08 -13.92
C MET A 260 -0.28 -2.92 -14.71
N GLN A 261 -1.09 -3.73 -14.03
CA GLN A 261 -2.06 -4.54 -14.73
C GLN A 261 -3.20 -3.70 -15.31
N LEU A 262 -3.58 -2.63 -14.61
CA LEU A 262 -4.61 -1.74 -15.14
C LEU A 262 -4.14 -1.03 -16.40
N LEU A 263 -2.89 -0.53 -16.39
CA LEU A 263 -2.39 0.22 -17.53
C LEU A 263 -1.98 -0.68 -18.68
N LEU A 264 -1.36 -1.83 -18.39
CA LEU A 264 -0.86 -2.69 -19.46
C LEU A 264 -1.95 -3.61 -20.00
N GLU A 265 -2.58 -4.40 -19.11
CA GLU A 265 -3.61 -5.33 -19.56
C GLU A 265 -4.88 -4.58 -19.97
N GLY A 266 -5.19 -3.48 -19.28
CA GLY A 266 -6.43 -2.77 -19.54
C GLY A 266 -6.35 -1.75 -20.66
N LYS A 267 -5.52 -0.73 -20.48
CA LYS A 267 -5.46 0.36 -21.45
C LYS A 267 -4.63 0.03 -22.68
N LEU A 268 -3.76 -0.98 -22.60
CA LEU A 268 -2.89 -1.34 -23.71
C LEU A 268 -3.13 -2.76 -24.22
N GLY A 269 -4.06 -3.51 -23.62
CA GLY A 269 -4.42 -4.81 -24.15
C GLY A 269 -3.36 -5.88 -24.00
N ALA A 270 -2.50 -5.79 -22.99
CA ALA A 270 -1.50 -6.82 -22.76
C ALA A 270 -2.18 -8.12 -22.34
N PRO A 271 -1.78 -9.26 -22.89
CA PRO A 271 -2.43 -10.54 -22.52
C PRO A 271 -2.37 -10.84 -21.03
N LYS A 272 -1.17 -10.82 -20.45
CA LYS A 272 -1.04 -11.08 -19.01
C LYS A 272 0.24 -10.42 -18.52
N VAL A 273 0.12 -9.57 -17.51
CA VAL A 273 1.25 -8.95 -16.85
C VAL A 273 1.22 -9.36 -15.38
N GLU A 274 2.23 -10.11 -14.96
CA GLU A 274 2.29 -10.64 -13.61
C GLU A 274 3.33 -9.90 -12.79
N PHE A 275 3.23 -10.08 -11.47
CA PHE A 275 4.03 -9.36 -10.49
C PHE A 275 4.35 -10.29 -9.34
N GLU A 276 5.60 -10.24 -8.86
CA GLU A 276 6.00 -11.06 -7.73
C GLU A 276 6.98 -10.30 -6.86
N VAL A 277 6.98 -10.64 -5.57
CA VAL A 277 7.83 -10.00 -4.58
C VAL A 277 8.82 -11.04 -4.06
N HIS A 278 10.11 -10.73 -4.13
CA HIS A 278 11.16 -11.57 -3.58
C HIS A 278 11.61 -11.02 -2.24
N THR A 279 11.78 -11.91 -1.27
CA THR A 279 12.20 -11.50 0.06
C THR A 279 13.04 -12.59 0.69
N LEU A 280 13.88 -12.20 1.64
CA LEU A 280 14.70 -13.14 2.39
C LEU A 280 14.18 -13.40 3.79
N ALA A 281 13.39 -12.50 4.36
CA ALA A 281 12.88 -12.65 5.72
C ALA A 281 11.54 -11.94 5.82
N PRO A 282 10.44 -12.63 5.51
CA PRO A 282 9.12 -12.02 5.69
C PRO A 282 8.76 -11.94 7.17
N GLU A 283 8.19 -10.81 7.56
CA GLU A 283 7.82 -10.57 8.97
C GLU A 283 6.44 -11.15 9.22
N GLY A 284 6.40 -12.47 9.37
CA GLY A 284 5.16 -13.18 9.64
C GLY A 284 4.57 -13.80 8.39
N THR A 285 3.40 -14.42 8.57
CA THR A 285 2.67 -15.07 7.50
C THR A 285 1.47 -14.27 7.04
N ASN A 286 1.23 -13.09 7.60
CA ASN A 286 0.10 -12.28 7.18
C ASN A 286 0.31 -11.72 5.77
N ALA A 287 1.57 -11.57 5.35
CA ALA A 287 1.83 -11.04 4.02
C ALA A 287 1.46 -12.05 2.93
N PHE A 288 1.61 -13.35 3.21
CA PHE A 288 1.22 -14.37 2.25
C PHE A 288 -0.28 -14.36 2.00
N VAL A 289 -1.07 -14.20 3.06
CA VAL A 289 -2.52 -14.13 2.90
C VAL A 289 -2.92 -12.88 2.14
N THR A 290 -2.27 -11.75 2.46
CA THR A 290 -2.59 -10.49 1.78
C THR A 290 -2.31 -10.57 0.28
N TYR A 291 -1.22 -11.23 -0.10
CA TYR A 291 -0.82 -11.30 -1.49
C TYR A 291 -1.58 -12.37 -2.28
N GLU A 292 -2.60 -12.98 -1.69
CA GLU A 292 -3.49 -13.87 -2.42
C GLU A 292 -4.63 -13.11 -3.11
N ALA A 293 -4.70 -11.80 -2.93
CA ALA A 293 -5.81 -11.02 -3.48
C ALA A 293 -5.77 -11.04 -5.00
N ALA A 294 -6.95 -11.14 -5.60
CA ALA A 294 -7.07 -11.12 -7.06
C ALA A 294 -6.73 -9.73 -7.58
N SER A 295 -6.32 -9.69 -8.85
CA SER A 295 -6.01 -8.42 -9.50
C SER A 295 -7.26 -7.56 -9.60
N LEU A 296 -7.14 -6.29 -9.19
CA LEU A 296 -8.30 -5.41 -9.17
C LEU A 296 -8.83 -5.15 -10.58
N TYR A 297 -7.94 -5.08 -11.58
CA TYR A 297 -8.42 -4.88 -12.95
C TYR A 297 -9.14 -6.11 -13.47
N GLY A 298 -8.60 -7.30 -13.19
CA GLY A 298 -9.26 -8.52 -13.64
C GLY A 298 -10.66 -8.65 -13.10
N LEU A 299 -10.86 -8.23 -11.84
CA LEU A 299 -12.20 -8.25 -11.27
C LEU A 299 -13.08 -7.14 -11.87
N ALA A 300 -12.47 -6.01 -12.24
CA ALA A 300 -13.25 -4.90 -12.80
C ALA A 300 -13.76 -5.25 -14.19
N GLU A 301 -12.89 -5.81 -15.04
CA GLU A 301 -13.34 -6.24 -16.37
C GLU A 301 -14.37 -7.35 -16.29
N GLY A 302 -14.18 -8.29 -15.35
CA GLY A 302 -15.13 -9.36 -15.10
C GLY A 302 -15.40 -10.28 -16.26
N ARG A 303 -14.57 -10.29 -17.31
CA ARG A 303 -14.81 -11.12 -18.47
C ARG A 303 -13.81 -12.26 -18.60
N SER A 304 -12.52 -11.95 -18.63
CA SER A 304 -11.49 -12.97 -18.79
C SER A 304 -11.10 -13.57 -17.45
N ALA A 305 -10.25 -14.60 -17.51
CA ALA A 305 -9.78 -15.26 -16.29
C ALA A 305 -8.95 -14.31 -15.46
N VAL A 306 -9.12 -14.39 -14.15
CA VAL A 306 -8.46 -13.48 -13.20
C VAL A 306 -7.26 -14.19 -12.59
N HIS A 307 -6.17 -13.45 -12.46
CA HIS A 307 -5.00 -13.89 -11.72
C HIS A 307 -4.74 -12.92 -10.57
N ARG A 308 -3.85 -13.32 -9.67
CA ARG A 308 -3.53 -12.48 -8.52
C ARG A 308 -2.81 -11.22 -8.98
N ALA A 309 -2.93 -10.16 -8.17
CA ALA A 309 -2.12 -8.97 -8.41
C ALA A 309 -0.64 -9.29 -8.22
N ILE A 310 -0.30 -10.04 -7.18
CA ILE A 310 1.04 -10.55 -6.95
C ILE A 310 0.97 -12.07 -7.02
N ARG A 311 1.68 -12.64 -7.99
CA ARG A 311 1.54 -14.08 -8.24
C ARG A 311 2.11 -14.92 -7.11
N GLU A 312 3.11 -14.41 -6.40
CA GLU A 312 3.71 -15.17 -5.30
C GLU A 312 4.59 -14.24 -4.47
N LEU A 313 4.55 -14.44 -3.16
CA LEU A 313 5.55 -13.88 -2.25
C LEU A 313 6.64 -14.93 -2.11
N TYR A 314 7.71 -14.77 -2.86
CA TYR A 314 8.72 -15.81 -3.03
C TYR A 314 9.89 -15.57 -2.07
N VAL A 315 10.20 -16.58 -1.26
CA VAL A 315 11.36 -16.57 -0.38
C VAL A 315 12.36 -17.59 -0.93
N PRO A 316 13.36 -17.17 -1.69
CA PRO A 316 14.29 -18.11 -2.32
C PRO A 316 15.09 -18.87 -1.26
N PRO A 317 14.96 -20.19 -1.21
CA PRO A 317 15.75 -20.98 -0.25
C PRO A 317 17.20 -21.13 -0.72
N THR A 318 17.37 -21.47 -1.99
CA THR A 318 18.69 -21.59 -2.61
C THR A 318 18.69 -20.86 -3.94
N ALA A 319 19.89 -20.64 -4.47
CA ALA A 319 19.99 -20.01 -5.79
C ALA A 319 19.53 -20.95 -6.90
N ALA A 320 19.73 -22.26 -6.73
CA ALA A 320 19.25 -23.22 -7.72
C ALA A 320 17.73 -23.24 -7.78
N ASP A 321 17.06 -23.04 -6.65
CA ASP A 321 15.60 -22.98 -6.66
C ASP A 321 15.11 -21.72 -7.38
N LEU A 322 15.83 -20.61 -7.23
CA LEU A 322 15.49 -19.40 -7.97
C LEU A 322 15.58 -19.62 -9.47
N ALA A 323 16.64 -20.31 -9.91
CA ALA A 323 16.81 -20.61 -11.33
C ALA A 323 15.76 -21.60 -11.80
N ARG A 324 15.52 -22.66 -11.03
CA ARG A 324 14.51 -23.64 -11.39
C ARG A 324 13.13 -23.00 -11.50
N ARG A 325 12.80 -22.10 -10.57
CA ARG A 325 11.48 -21.48 -10.57
C ARG A 325 11.31 -20.55 -11.77
N PHE A 326 12.36 -19.82 -12.13
CA PHE A 326 12.28 -18.92 -13.28
C PHE A 326 12.23 -19.70 -14.59
N PHE A 327 12.94 -20.84 -14.66
CA PHE A 327 12.83 -21.70 -15.83
C PHE A 327 11.42 -22.24 -15.99
N ALA A 328 10.78 -22.64 -14.88
CA ALA A 328 9.42 -23.14 -14.94
C ALA A 328 8.44 -22.04 -15.33
N PHE A 329 8.69 -20.82 -14.89
CA PHE A 329 7.84 -19.69 -15.27
C PHE A 329 7.88 -19.46 -16.78
N LEU A 330 9.10 -19.44 -17.35
CA LEU A 330 9.24 -19.21 -18.78
C LEU A 330 8.64 -20.35 -19.59
N ASN A 331 8.79 -21.58 -19.12
CA ASN A 331 8.25 -22.72 -19.87
C ASN A 331 6.73 -22.67 -19.93
N GLU A 332 6.08 -22.09 -18.92
CA GLU A 332 4.63 -22.00 -18.89
C GLU A 332 4.12 -20.68 -19.46
N ARG A 333 4.78 -19.57 -19.16
CA ARG A 333 4.29 -18.27 -19.60
C ARG A 333 4.53 -18.05 -21.09
N MET A 334 5.71 -18.43 -21.59
CA MET A 334 6.03 -18.20 -22.99
C MET A 334 5.26 -19.10 -23.94
N GLU A 335 4.47 -20.05 -23.44
CA GLU A 335 3.61 -20.83 -24.32
C GLU A 335 2.48 -19.97 -24.89
N LEU A 336 2.11 -18.89 -24.19
CA LEU A 336 1.10 -17.97 -24.69
C LEU A 336 1.60 -17.12 -25.85
N VAL A 337 2.91 -17.13 -26.12
CA VAL A 337 3.47 -16.39 -27.25
C VAL A 337 3.54 -17.31 -28.45
N ASN A 338 3.03 -16.83 -29.59
CA ASN A 338 2.98 -17.63 -30.81
C ASN A 338 4.38 -17.97 -31.32
N PRO B 2 -14.15 19.10 32.72
CA PRO B 2 -14.53 19.93 31.57
C PRO B 2 -13.43 19.98 30.52
N PHE B 3 -13.64 20.75 29.45
CA PHE B 3 -12.59 20.94 28.46
C PHE B 3 -11.38 21.61 29.09
N THR B 4 -11.60 22.64 29.88
CA THR B 4 -10.58 23.23 30.74
C THR B 4 -10.52 22.45 32.04
N TYR B 5 -9.32 22.04 32.44
CA TYR B 5 -9.16 21.20 33.61
C TYR B 5 -9.66 21.91 34.86
N SER B 6 -10.41 21.18 35.69
CA SER B 6 -10.95 21.71 36.93
C SER B 6 -10.58 20.77 38.07
N ILE B 7 -9.90 21.31 39.09
CA ILE B 7 -9.55 20.49 40.25
C ILE B 7 -10.81 20.08 41.01
N GLU B 8 -11.79 20.98 41.08
CA GLU B 8 -13.03 20.66 41.79
C GLU B 8 -13.81 19.56 41.09
N ALA B 9 -13.86 19.59 39.75
CA ALA B 9 -14.59 18.57 39.01
C ALA B 9 -13.91 17.21 39.12
N THR B 10 -12.57 17.20 39.13
CA THR B 10 -11.85 15.93 39.24
C THR B 10 -12.06 15.29 40.61
N ARG B 11 -12.13 16.11 41.66
CA ARG B 11 -12.34 15.57 43.00
C ARG B 11 -13.72 14.95 43.16
N ASN B 12 -14.72 15.46 42.45
CA ASN B 12 -16.07 14.92 42.54
C ASN B 12 -16.20 13.57 41.84
N LEU B 13 -15.26 13.23 40.96
CA LEU B 13 -15.32 11.97 40.24
C LEU B 13 -15.05 10.81 41.19
N ALA B 14 -15.80 9.73 41.01
CA ALA B 14 -15.48 8.49 41.70
C ALA B 14 -14.18 7.91 41.16
N THR B 15 -13.61 6.97 41.92
CA THR B 15 -12.35 6.36 41.49
C THR B 15 -12.49 5.65 40.15
N THR B 16 -13.67 5.12 39.86
CA THR B 16 -13.91 4.46 38.57
C THR B 16 -14.10 5.46 37.44
N GLU B 17 -14.39 6.72 37.75
CA GLU B 17 -14.57 7.76 36.76
C GLU B 17 -13.29 8.55 36.48
N ARG B 18 -12.17 8.16 37.08
CA ARG B 18 -10.93 8.90 36.92
C ARG B 18 -10.32 8.64 35.55
N CYS B 19 -9.64 9.66 35.03
CA CYS B 19 -8.98 9.54 33.74
C CYS B 19 -7.72 8.67 33.81
N ILE B 20 -7.18 8.48 35.02
CA ILE B 20 -5.98 7.67 35.22
C ILE B 20 -6.35 6.50 36.13
N GLN B 21 -6.13 5.29 35.65
CA GLN B 21 -6.43 4.07 36.39
C GLN B 21 -5.16 3.26 36.59
N ASP B 22 -5.12 2.48 37.67
CA ASP B 22 -3.97 1.64 37.97
C ASP B 22 -4.40 0.38 38.72
N PHE B 35 0.55 2.95 34.49
CA PHE B 35 -0.77 3.57 34.56
C PHE B 35 -1.51 3.46 33.23
N GLN B 36 -2.84 3.53 33.28
CA GLN B 36 -3.68 3.37 32.11
C GLN B 36 -4.49 4.65 31.87
N LEU B 37 -4.57 5.05 30.61
CA LEU B 37 -5.39 6.20 30.20
C LEU B 37 -6.79 5.69 29.88
N ALA B 38 -7.73 5.93 30.79
CA ALA B 38 -9.12 5.52 30.60
C ALA B 38 -9.78 6.50 29.63
N GLN B 39 -9.75 6.16 28.34
CA GLN B 39 -10.21 7.10 27.31
C GLN B 39 -11.70 7.35 27.42
N GLN B 40 -12.48 6.38 27.91
CA GLN B 40 -13.92 6.62 28.09
C GLN B 40 -14.17 7.66 29.17
N ASN B 41 -13.40 7.60 30.27
CA ASN B 41 -13.50 8.63 31.29
C ASN B 41 -12.89 9.94 30.83
N MET B 42 -11.85 9.88 29.99
CA MET B 42 -11.23 11.09 29.48
C MET B 42 -12.19 11.85 28.56
N LEU B 43 -12.92 11.14 27.70
CA LEU B 43 -13.85 11.80 26.80
C LEU B 43 -15.05 12.35 27.57
N ALA B 44 -15.51 11.64 28.61
CA ALA B 44 -16.61 12.13 29.41
C ALA B 44 -16.18 13.32 30.28
N TYR B 45 -14.92 13.37 30.68
CA TYR B 45 -14.43 14.50 31.46
C TYR B 45 -14.19 15.71 30.57
N THR B 46 -13.46 15.52 29.47
CA THR B 46 -13.07 16.66 28.64
C THR B 46 -14.21 17.12 27.73
N PHE B 47 -14.93 16.17 27.11
CA PHE B 47 -15.97 16.50 26.14
C PHE B 47 -17.35 16.06 26.62
N GLY B 48 -17.56 16.00 27.93
CA GLY B 48 -18.87 15.61 28.45
C GLY B 48 -19.95 16.63 28.14
N GLU B 49 -19.57 17.90 27.99
CA GLU B 49 -20.52 18.96 27.68
C GLU B 49 -20.10 19.77 26.46
N VAL B 50 -19.11 19.31 25.70
CA VAL B 50 -18.57 20.05 24.57
C VAL B 50 -18.38 19.11 23.40
N ILE B 51 -19.08 19.37 22.30
CA ILE B 51 -18.81 18.74 21.01
C ILE B 51 -18.10 19.79 20.14
N PRO B 52 -16.81 19.62 19.85
CA PRO B 52 -16.09 20.65 19.09
C PRO B 52 -16.74 20.90 17.74
N GLY B 53 -16.79 22.18 17.35
CA GLY B 53 -17.55 22.60 16.21
C GLY B 53 -19.01 22.90 16.48
N PHE B 54 -19.54 22.41 17.61
CA PHE B 54 -20.92 22.69 18.02
C PHE B 54 -20.98 23.25 19.43
N ALA B 55 -19.89 23.86 19.90
CA ALA B 55 -19.85 24.44 21.24
C ALA B 55 -19.53 25.94 21.17
N SER B 56 -18.69 26.40 22.08
CA SER B 56 -18.32 27.81 22.11
C SER B 56 -17.44 28.17 20.92
N ALA B 57 -17.49 29.44 20.52
CA ALA B 57 -16.72 29.90 19.38
C ALA B 57 -15.22 29.74 19.61
N GLY B 58 -14.76 29.84 20.86
CA GLY B 58 -13.36 29.65 21.14
C GLY B 58 -12.91 28.22 20.88
N ILE B 59 -13.77 27.25 21.20
CA ILE B 59 -13.42 25.86 20.96
C ILE B 59 -13.64 25.50 19.50
N ASN B 60 -14.66 26.07 18.85
CA ASN B 60 -14.92 25.76 17.45
C ASN B 60 -13.78 26.21 16.55
N GLY B 61 -13.20 27.37 16.84
CA GLY B 61 -12.09 27.90 16.08
C GLY B 61 -10.72 27.55 16.61
N MET B 62 -10.65 26.73 17.66
CA MET B 62 -9.37 26.36 18.24
C MET B 62 -8.63 25.41 17.33
N ASP B 63 -7.29 25.42 17.43
CA ASP B 63 -6.46 24.49 16.69
C ASP B 63 -6.88 23.06 17.02
N TYR B 64 -7.21 22.30 15.97
CA TYR B 64 -7.79 20.97 16.18
C TYR B 64 -6.82 20.03 16.86
N ARG B 65 -5.51 20.22 16.65
CA ARG B 65 -4.52 19.41 17.36
C ARG B 65 -4.57 19.64 18.85
N ASP B 66 -4.82 20.89 19.27
CA ASP B 66 -4.95 21.19 20.69
C ASP B 66 -6.26 20.66 21.26
N VAL B 67 -7.30 20.58 20.43
CA VAL B 67 -8.57 20.03 20.88
C VAL B 67 -8.44 18.52 21.09
N ILE B 68 -7.84 17.82 20.12
CA ILE B 68 -7.65 16.38 20.26
C ILE B 68 -6.66 16.07 21.37
N GLY B 69 -5.66 16.93 21.57
CA GLY B 69 -4.68 16.72 22.61
C GLY B 69 -5.08 17.14 24.01
N ARG B 70 -6.29 17.69 24.19
CA ARG B 70 -6.77 18.17 25.48
C ARG B 70 -7.08 17.03 26.45
N PRO B 71 -7.77 15.96 26.03
CA PRO B 71 -8.03 14.86 26.99
C PRO B 71 -6.76 14.21 27.52
N VAL B 72 -5.74 14.06 26.69
CA VAL B 72 -4.48 13.50 27.17
C VAL B 72 -3.82 14.44 28.16
N GLU B 73 -3.79 15.74 27.84
CA GLU B 73 -3.20 16.71 28.74
C GLU B 73 -3.95 16.78 30.06
N ASN B 74 -5.29 16.71 30.01
CA ASN B 74 -6.07 16.70 31.24
C ASN B 74 -5.83 15.42 32.04
N ALA B 75 -5.66 14.30 31.34
CA ALA B 75 -5.38 13.04 32.02
C ALA B 75 -3.99 13.06 32.66
N VAL B 76 -3.01 13.61 31.95
CA VAL B 76 -1.66 13.73 32.52
C VAL B 76 -1.70 14.65 33.74
N THR B 77 -2.48 15.72 33.67
CA THR B 77 -2.62 16.62 34.82
C THR B 77 -3.24 15.89 36.01
N GLU B 78 -4.27 15.07 35.77
CA GLU B 78 -4.88 14.32 36.85
C GLU B 78 -3.91 13.31 37.46
N GLY B 79 -3.23 12.54 36.60
CA GLY B 79 -2.24 11.60 37.09
C GLY B 79 -1.11 12.27 37.84
N THR B 80 -0.73 13.48 37.42
CA THR B 80 0.27 14.24 38.15
C THR B 80 -0.25 14.64 39.53
N HIS B 81 -1.53 15.02 39.61
CA HIS B 81 -2.09 15.48 40.87
C HIS B 81 -2.39 14.34 41.84
N PHE B 82 -2.68 13.14 41.33
CA PHE B 82 -3.04 12.01 42.17
C PHE B 82 -1.92 10.99 42.34
N PHE B 83 -0.88 11.03 41.50
CA PHE B 83 0.26 10.12 41.62
C PHE B 83 1.55 10.94 41.41
N ARG B 84 1.76 11.94 42.27
CA ARG B 84 2.84 12.89 42.05
C ARG B 84 4.20 12.20 41.96
N ASP B 85 4.45 11.21 42.82
CA ASP B 85 5.80 10.66 42.94
C ASP B 85 6.16 9.72 41.80
N ASP B 86 5.18 9.00 41.22
CA ASP B 86 5.54 7.95 40.28
C ASP B 86 4.65 7.89 39.04
N PHE B 87 3.87 8.93 38.74
CA PHE B 87 3.04 8.91 37.54
C PHE B 87 3.91 8.97 36.30
N ARG B 88 3.63 8.07 35.35
CA ARG B 88 4.37 8.02 34.10
C ARG B 88 3.57 7.22 33.08
N VAL B 89 3.46 7.75 31.87
CA VAL B 89 2.83 7.06 30.76
C VAL B 89 3.74 7.20 29.54
N ASP B 90 3.97 6.08 28.85
CA ASP B 90 4.88 6.10 27.71
C ASP B 90 4.33 6.97 26.59
N SER B 91 5.25 7.52 25.79
CA SER B 91 4.84 8.35 24.66
C SER B 91 4.08 7.54 23.61
N ASN B 92 4.34 6.23 23.54
CA ASN B 92 3.58 5.38 22.62
C ASN B 92 2.15 5.19 23.10
N ALA B 93 1.94 5.07 24.41
CA ALA B 93 0.59 4.93 24.95
C ALA B 93 -0.20 6.22 24.76
N LYS B 94 0.47 7.38 24.92
CA LYS B 94 -0.20 8.64 24.68
C LYS B 94 -0.52 8.84 23.20
N ALA B 95 0.31 8.29 22.31
CA ALA B 95 0.05 8.44 20.89
C ALA B 95 -1.10 7.55 20.44
N LYS B 96 -1.23 6.36 21.03
CA LYS B 96 -2.32 5.47 20.65
C LYS B 96 -3.67 6.02 21.11
N VAL B 97 -3.73 6.51 22.35
CA VAL B 97 -4.99 7.08 22.87
C VAL B 97 -5.35 8.33 22.08
N ALA B 98 -4.35 9.16 21.75
CA ALA B 98 -4.62 10.36 20.96
C ALA B 98 -5.17 10.01 19.59
N GLY B 99 -4.71 8.92 19.00
CA GLY B 99 -5.25 8.48 17.72
C GLY B 99 -6.68 8.01 17.83
N ASP B 100 -7.00 7.29 18.92
CA ASP B 100 -8.37 6.87 19.14
C ASP B 100 -9.29 8.06 19.41
N ILE B 101 -8.83 9.01 20.23
CA ILE B 101 -9.59 10.22 20.49
C ILE B 101 -9.76 11.03 19.22
N PHE B 102 -8.75 11.02 18.34
CA PHE B 102 -8.85 11.73 17.07
C PHE B 102 -9.99 11.18 16.22
N GLU B 103 -10.16 9.85 16.21
CA GLU B 103 -11.25 9.25 15.45
C GLU B 103 -12.60 9.52 16.12
N ILE B 104 -12.69 9.32 17.43
CA ILE B 104 -13.97 9.42 18.12
C ILE B 104 -14.50 10.85 18.11
N VAL B 105 -13.62 11.82 18.40
CA VAL B 105 -14.06 13.21 18.42
C VAL B 105 -14.49 13.67 17.04
N SER B 106 -13.70 13.32 16.01
CA SER B 106 -14.08 13.68 14.65
C SER B 106 -15.36 12.98 14.22
N SER B 107 -15.57 11.74 14.69
CA SER B 107 -16.82 11.04 14.40
C SER B 107 -18.00 11.68 15.10
N ALA B 108 -17.78 12.24 16.29
CA ALA B 108 -18.86 12.95 16.98
C ALA B 108 -19.21 14.25 16.29
N VAL B 109 -18.22 14.92 15.69
CA VAL B 109 -18.50 16.13 14.92
C VAL B 109 -19.38 15.80 13.72
N MET B 110 -19.03 14.73 13.00
CA MET B 110 -19.82 14.33 11.84
C MET B 110 -21.19 13.81 12.25
N TRP B 111 -21.31 13.24 13.46
CA TRP B 111 -22.61 12.80 13.95
C TRP B 111 -23.57 13.96 14.13
N ASN B 112 -23.10 15.03 14.77
CA ASN B 112 -23.94 16.22 14.94
C ASN B 112 -24.19 16.92 13.61
N CYS B 113 -23.24 16.86 12.67
CA CYS B 113 -23.47 17.38 11.34
C CYS B 113 -24.59 16.62 10.65
N ALA B 114 -24.56 15.29 10.74
CA ALA B 114 -25.62 14.47 10.15
C ALA B 114 -26.95 14.73 10.84
N ALA B 115 -26.93 14.91 12.16
CA ALA B 115 -28.17 15.18 12.90
C ALA B 115 -28.80 16.50 12.46
N ARG B 116 -27.99 17.56 12.37
CA ARG B 116 -28.50 18.83 11.88
C ARG B 116 -28.89 18.72 10.41
N TRP B 117 -28.18 17.92 9.64
CA TRP B 117 -28.55 17.68 8.24
C TRP B 117 -29.88 16.94 8.15
N ASN B 118 -30.03 15.86 8.93
CA ASN B 118 -31.26 15.08 8.90
C ASN B 118 -32.45 15.89 9.40
N SER B 119 -32.23 16.78 10.36
CA SER B 119 -33.32 17.65 10.83
C SER B 119 -33.81 18.55 9.70
N LEU B 120 -32.89 19.06 8.88
CA LEU B 120 -33.28 19.88 7.74
C LEU B 120 -34.00 19.05 6.68
N MET B 121 -33.58 17.80 6.50
CA MET B 121 -34.16 16.97 5.45
C MET B 121 -35.61 16.60 5.73
N VAL B 122 -35.99 16.49 7.01
CA VAL B 122 -37.35 16.11 7.37
C VAL B 122 -38.20 17.36 7.55
N GLY B 123 -37.65 18.52 7.23
CA GLY B 123 -38.42 19.75 7.24
C GLY B 123 -38.49 20.46 8.57
N GLU B 124 -37.48 20.31 9.43
CA GLU B 124 -37.47 20.96 10.73
C GLU B 124 -36.66 22.24 10.73
N GLY B 125 -36.29 22.76 9.57
CA GLY B 125 -35.51 23.97 9.50
C GLY B 125 -34.02 23.71 9.65
N TRP B 126 -33.28 24.81 9.73
CA TRP B 126 -31.82 24.77 9.83
C TRP B 126 -31.39 25.41 11.14
N ARG B 127 -30.87 24.60 12.06
CA ARG B 127 -30.38 25.12 13.33
C ARG B 127 -29.22 26.08 13.10
N SER B 128 -29.19 27.16 13.88
CA SER B 128 -28.29 28.28 13.62
C SER B 128 -27.22 28.48 14.69
N GLN B 129 -27.13 27.61 15.68
CA GLN B 129 -26.15 27.77 16.76
C GLN B 129 -25.29 26.52 16.87
N PRO B 130 -24.02 26.55 16.44
CA PRO B 130 -23.36 27.69 15.78
C PRO B 130 -23.81 27.87 14.33
N ARG B 131 -23.37 28.95 13.70
CA ARG B 131 -23.81 29.28 12.35
C ARG B 131 -23.00 28.50 11.33
N TYR B 132 -23.68 27.74 10.49
CA TYR B 132 -23.08 27.08 9.34
C TYR B 132 -23.92 27.38 8.11
N SER B 133 -23.28 27.35 6.95
CA SER B 133 -23.95 27.69 5.71
C SER B 133 -25.11 26.73 5.45
N ARG B 134 -26.30 27.28 5.27
CA ARG B 134 -27.48 26.45 5.04
C ARG B 134 -27.36 25.72 3.71
N PRO B 135 -27.58 24.40 3.68
CA PRO B 135 -27.50 23.68 2.41
C PRO B 135 -28.55 24.18 1.42
N THR B 136 -28.11 24.40 0.18
CA THR B 136 -29.01 24.80 -0.90
C THR B 136 -29.75 23.63 -1.50
N LEU B 137 -29.59 22.43 -0.94
CA LEU B 137 -30.23 21.24 -1.48
C LEU B 137 -31.73 21.26 -1.20
N SER B 138 -32.48 20.61 -2.08
CA SER B 138 -33.91 20.42 -1.85
C SER B 138 -34.11 19.40 -0.73
N PRO B 139 -34.68 19.79 0.41
CA PRO B 139 -34.82 18.84 1.52
C PRO B 139 -35.71 17.66 1.15
N SER B 140 -35.36 16.50 1.70
CA SER B 140 -36.11 15.26 1.48
C SER B 140 -35.75 14.24 2.54
N PRO B 141 -36.74 13.58 3.16
CA PRO B 141 -36.42 12.54 4.15
C PRO B 141 -35.62 11.39 3.58
N ARG B 142 -35.69 11.15 2.27
CA ARG B 142 -34.90 10.09 1.64
C ARG B 142 -33.43 10.46 1.50
N ARG B 143 -33.06 11.72 1.78
CA ARG B 143 -31.68 12.16 1.69
C ARG B 143 -31.00 12.23 3.06
N GLN B 144 -31.60 11.65 4.09
CA GLN B 144 -30.95 11.58 5.38
C GLN B 144 -29.76 10.62 5.33
N VAL B 145 -28.80 10.84 6.22
CA VAL B 145 -27.60 10.02 6.28
C VAL B 145 -27.34 9.62 7.73
N ALA B 146 -26.51 8.60 7.89
CA ALA B 146 -26.08 8.12 9.19
C ALA B 146 -24.56 7.99 9.21
N VAL B 147 -23.94 8.46 10.28
CA VAL B 147 -22.50 8.38 10.46
C VAL B 147 -22.20 7.16 11.33
N LEU B 148 -21.47 6.20 10.76
CA LEU B 148 -21.24 4.90 11.40
C LEU B 148 -19.74 4.76 11.69
N ASN B 149 -19.35 4.95 12.95
CA ASN B 149 -18.00 4.62 13.37
C ASN B 149 -17.86 3.10 13.46
N LEU B 150 -16.96 2.54 12.66
CA LEU B 150 -16.91 1.09 12.57
C LEU B 150 -15.82 0.52 13.49
N PRO B 151 -16.06 -0.65 14.09
CA PRO B 151 -15.06 -1.24 14.98
C PRO B 151 -13.84 -1.70 14.19
N ARG B 152 -12.80 -2.07 14.94
CA ARG B 152 -11.57 -2.55 14.33
C ARG B 152 -11.81 -3.89 13.64
N SER B 153 -11.24 -4.03 12.44
CA SER B 153 -11.37 -5.25 11.63
C SER B 153 -12.83 -5.59 11.34
N PHE B 154 -13.67 -4.56 11.22
CA PHE B 154 -15.08 -4.77 10.93
C PHE B 154 -15.27 -5.07 9.44
N ASP B 155 -16.15 -6.03 9.17
CA ASP B 155 -16.50 -6.39 7.79
C ASP B 155 -17.70 -5.55 7.38
N TRP B 156 -17.44 -4.46 6.65
CA TRP B 156 -18.51 -3.55 6.24
C TRP B 156 -19.50 -4.20 5.29
N VAL B 157 -19.18 -5.35 4.72
CA VAL B 157 -20.13 -6.06 3.87
C VAL B 157 -21.35 -6.49 4.70
N SER B 158 -21.17 -6.69 6.00
CA SER B 158 -22.30 -7.05 6.86
C SER B 158 -23.32 -5.92 6.97
N LEU B 159 -22.94 -4.68 6.63
CA LEU B 159 -23.92 -3.60 6.59
C LEU B 159 -24.93 -3.81 5.47
N LEU B 160 -24.55 -4.51 4.42
CA LEU B 160 -25.39 -4.63 3.24
C LEU B 160 -26.56 -5.57 3.50
N VAL B 161 -27.62 -5.38 2.71
CA VAL B 161 -28.80 -6.24 2.74
C VAL B 161 -28.35 -7.67 2.42
N PRO B 162 -29.06 -8.69 2.93
CA PRO B 162 -28.60 -10.07 2.69
C PRO B 162 -28.44 -10.43 1.23
N GLU B 163 -29.31 -9.92 0.36
CA GLU B 163 -29.20 -10.22 -1.07
C GLU B 163 -27.87 -9.72 -1.63
N SER B 164 -27.40 -8.57 -1.17
CA SER B 164 -26.11 -8.06 -1.65
C SER B 164 -24.95 -8.82 -1.03
N GLN B 165 -25.09 -9.27 0.23
CA GLN B 165 -24.07 -10.10 0.84
C GLN B 165 -23.91 -11.42 0.08
N GLU B 166 -25.01 -11.96 -0.45
CA GLU B 166 -24.93 -13.20 -1.22
C GLU B 166 -24.10 -13.01 -2.49
N VAL B 167 -24.13 -11.81 -3.08
CA VAL B 167 -23.32 -11.54 -4.25
C VAL B 167 -21.84 -11.55 -3.90
N ILE B 168 -21.48 -10.94 -2.77
CA ILE B 168 -20.07 -10.87 -2.38
C ILE B 168 -19.57 -12.24 -1.96
N GLU B 169 -20.40 -13.01 -1.24
CA GLU B 169 -19.96 -14.32 -0.77
C GLU B 169 -19.84 -15.31 -1.94
N GLU B 170 -20.75 -15.24 -2.90
CA GLU B 170 -20.61 -16.03 -4.12
C GLU B 170 -19.38 -15.59 -4.91
N PHE B 171 -19.12 -14.27 -4.92
CA PHE B 171 -17.94 -13.76 -5.60
C PHE B 171 -16.65 -14.27 -4.95
N ARG B 172 -16.60 -14.27 -3.62
CA ARG B 172 -15.42 -14.74 -2.92
C ARG B 172 -15.25 -16.25 -3.06
N ALA B 173 -16.36 -16.99 -3.07
CA ALA B 173 -16.26 -18.44 -3.22
C ALA B 173 -15.75 -18.83 -4.60
N GLY B 174 -16.21 -18.13 -5.64
CA GLY B 174 -15.71 -18.41 -6.98
C GLY B 174 -14.25 -18.06 -7.14
N LEU B 175 -13.79 -16.99 -6.49
CA LEU B 175 -12.38 -16.64 -6.53
C LEU B 175 -11.53 -17.65 -5.77
N ARG B 176 -11.99 -18.06 -4.58
CA ARG B 176 -11.24 -19.02 -3.78
C ARG B 176 -11.15 -20.38 -4.47
N LYS B 177 -12.13 -20.71 -5.32
CA LYS B 177 -12.05 -21.97 -6.06
C LYS B 177 -10.89 -21.98 -7.04
N ASP B 178 -10.48 -20.81 -7.53
CA ASP B 178 -9.37 -20.68 -8.45
C ASP B 178 -8.10 -20.16 -7.78
N GLY B 179 -8.01 -20.32 -6.45
CA GLY B 179 -6.83 -19.86 -5.74
C GLY B 179 -6.67 -18.36 -5.66
N LEU B 180 -7.78 -17.63 -5.72
CA LEU B 180 -7.77 -16.17 -5.65
C LEU B 180 -8.48 -15.71 -4.38
N GLY B 181 -7.96 -14.64 -3.79
CA GLY B 181 -8.54 -14.07 -2.59
C GLY B 181 -9.32 -12.81 -2.88
N LEU B 182 -10.42 -12.63 -2.17
CA LEU B 182 -11.20 -11.41 -2.29
C LEU B 182 -10.42 -10.25 -1.69
N PRO B 183 -10.16 -9.18 -2.42
CA PRO B 183 -9.43 -8.05 -1.84
C PRO B 183 -10.19 -7.46 -0.66
N THR B 184 -9.45 -7.17 0.42
CA THR B 184 -10.02 -6.71 1.67
C THR B 184 -9.89 -5.19 1.80
N SER B 185 -10.76 -4.62 2.65
CA SER B 185 -10.77 -3.19 2.90
C SER B 185 -11.46 -2.96 4.24
N THR B 186 -10.85 -2.12 5.08
CA THR B 186 -11.38 -1.87 6.43
C THR B 186 -11.30 -0.38 6.73
N PRO B 187 -12.32 0.37 6.34
CA PRO B 187 -12.38 1.79 6.72
C PRO B 187 -12.72 1.95 8.20
N ASP B 188 -12.36 3.11 8.74
CA ASP B 188 -12.67 3.41 10.13
C ASP B 188 -14.09 3.93 10.31
N LEU B 189 -14.64 4.59 9.30
CA LEU B 189 -15.96 5.20 9.39
C LEU B 189 -16.63 5.15 8.02
N ALA B 190 -17.95 5.02 8.03
CA ALA B 190 -18.74 4.99 6.82
C ALA B 190 -19.94 5.93 6.95
N VAL B 191 -20.25 6.64 5.88
CA VAL B 191 -21.42 7.49 5.79
C VAL B 191 -22.37 6.88 4.78
N VAL B 192 -23.55 6.45 5.25
CA VAL B 192 -24.52 5.77 4.40
C VAL B 192 -25.83 6.53 4.46
N VAL B 193 -26.63 6.37 3.41
CA VAL B 193 -27.99 6.90 3.41
C VAL B 193 -28.81 6.17 4.46
N LEU B 194 -29.60 6.92 5.21
CA LEU B 194 -30.43 6.33 6.26
C LEU B 194 -31.43 5.37 5.63
N PRO B 195 -31.55 4.14 6.13
CA PRO B 195 -32.54 3.22 5.59
C PRO B 195 -33.96 3.78 5.73
N GLU B 196 -34.82 3.41 4.78
CA GLU B 196 -36.15 3.99 4.73
C GLU B 196 -36.98 3.66 5.96
N GLU B 197 -36.70 2.53 6.61
CA GLU B 197 -37.43 2.18 7.82
C GLU B 197 -37.03 3.01 9.02
N PHE B 198 -35.91 3.75 8.94
CA PHE B 198 -35.46 4.59 10.04
C PHE B 198 -35.61 6.08 9.76
N GLN B 199 -36.16 6.45 8.61
CA GLN B 199 -36.22 7.86 8.21
C GLN B 199 -37.24 8.68 8.99
N ASN B 200 -37.86 8.13 10.04
CA ASN B 200 -38.71 8.91 10.92
C ASN B 200 -38.33 8.74 12.38
N ASP B 201 -37.20 8.09 12.66
CA ASP B 201 -36.70 7.93 14.02
C ASP B 201 -35.85 9.14 14.38
N GLU B 202 -36.12 9.71 15.55
CA GLU B 202 -35.53 10.98 15.98
C GLU B 202 -34.09 10.87 16.47
N MET B 203 -33.59 9.66 16.74
CA MET B 203 -32.22 9.54 17.23
C MET B 203 -31.22 10.00 16.19
N TRP B 204 -31.57 9.92 14.91
CA TRP B 204 -30.67 10.36 13.85
C TRP B 204 -30.75 11.86 13.58
N ARG B 205 -31.67 12.56 14.24
CA ARG B 205 -31.84 14.00 14.07
C ARG B 205 -31.46 14.79 15.31
N GLU B 206 -31.07 14.14 16.40
CA GLU B 206 -30.77 14.81 17.65
C GLU B 206 -29.26 14.97 17.81
N GLU B 207 -28.81 16.21 17.96
CA GLU B 207 -27.40 16.48 18.22
C GLU B 207 -27.09 16.18 19.68
N ILE B 208 -25.99 15.50 19.93
CA ILE B 208 -25.58 15.19 21.29
C ILE B 208 -24.91 16.41 21.90
N ALA B 209 -25.18 16.63 23.19
CA ALA B 209 -24.61 17.78 23.88
C ALA B 209 -23.16 17.56 24.29
N GLY B 210 -22.72 16.32 24.35
CA GLY B 210 -21.34 16.03 24.74
C GLY B 210 -21.09 14.54 24.64
N LEU B 211 -19.82 14.18 24.79
CA LEU B 211 -19.40 12.78 24.72
C LEU B 211 -19.52 12.11 26.10
N THR B 212 -20.73 12.14 26.63
CA THR B 212 -21.03 11.40 27.84
C THR B 212 -21.02 9.91 27.55
N ARG B 213 -20.98 9.12 28.61
CA ARG B 213 -20.93 7.66 28.46
C ARG B 213 -22.11 7.10 27.68
N PRO B 214 -23.37 7.53 27.90
CA PRO B 214 -24.44 7.04 27.00
C PRO B 214 -24.27 7.48 25.57
N ASN B 215 -23.78 8.71 25.34
CA ASN B 215 -23.62 9.18 23.97
C ASN B 215 -22.44 8.51 23.27
N GLN B 216 -21.38 8.15 24.03
CA GLN B 216 -20.29 7.38 23.44
C GLN B 216 -20.79 6.03 22.95
N ILE B 217 -21.62 5.36 23.76
CA ILE B 217 -22.17 4.06 23.36
C ILE B 217 -23.12 4.22 22.19
N LEU B 218 -23.89 5.30 22.17
CA LEU B 218 -24.84 5.53 21.08
C LEU B 218 -24.11 5.66 19.74
N LEU B 219 -22.98 6.39 19.73
CA LEU B 219 -22.26 6.61 18.49
C LEU B 219 -21.44 5.39 18.07
N SER B 220 -20.81 4.72 19.03
CA SER B 220 -19.96 3.58 18.72
C SER B 220 -20.78 2.35 18.31
N GLY B 221 -22.02 2.24 18.77
CA GLY B 221 -22.87 1.12 18.47
C GLY B 221 -23.92 1.35 17.41
N ALA B 222 -23.88 2.49 16.72
CA ALA B 222 -24.92 2.80 15.72
C ALA B 222 -24.83 1.87 14.52
N TYR B 223 -23.65 1.33 14.24
CA TYR B 223 -23.50 0.44 13.09
C TYR B 223 -24.32 -0.83 13.25
N GLN B 224 -24.53 -1.27 14.49
CA GLN B 224 -25.32 -2.49 14.72
C GLN B 224 -26.79 -2.28 14.34
N ARG B 225 -27.28 -1.04 14.39
CA ARG B 225 -28.66 -0.78 14.04
C ARG B 225 -28.90 -0.93 12.55
N LEU B 226 -27.86 -0.72 11.73
CA LEU B 226 -27.99 -0.72 10.28
C LEU B 226 -27.40 -1.96 9.62
N GLN B 227 -26.90 -2.92 10.40
CA GLN B 227 -26.35 -4.13 9.81
C GLN B 227 -27.44 -4.92 9.09
N GLY B 228 -27.15 -5.30 7.85
CA GLY B 228 -28.11 -6.01 7.04
C GLY B 228 -29.24 -5.16 6.49
N ARG B 229 -29.10 -3.83 6.51
CA ARG B 229 -30.17 -2.94 6.11
C ARG B 229 -29.76 -1.89 5.08
N VAL B 230 -28.49 -1.83 4.70
CA VAL B 230 -27.98 -0.79 3.81
C VAL B 230 -27.90 -1.35 2.40
N GLN B 231 -28.44 -0.62 1.43
CA GLN B 231 -28.24 -0.98 0.05
C GLN B 231 -26.84 -0.56 -0.40
N PRO B 232 -26.24 -1.30 -1.35
CA PRO B 232 -24.87 -0.96 -1.76
C PRO B 232 -24.73 0.46 -2.28
N GLY B 233 -25.67 0.92 -3.11
CA GLY B 233 -25.63 2.27 -3.63
C GLY B 233 -25.83 3.35 -2.58
N GLU B 234 -26.22 3.00 -1.37
CA GLU B 234 -26.45 3.96 -0.31
C GLU B 234 -25.18 4.29 0.48
N ILE B 235 -24.08 3.60 0.22
CA ILE B 235 -22.79 3.93 0.82
C ILE B 235 -22.13 5.00 -0.03
N SER B 236 -21.76 6.12 0.58
CA SER B 236 -21.24 7.26 -0.15
C SER B 236 -19.82 7.65 0.25
N LEU B 237 -19.48 7.58 1.54
CA LEU B 237 -18.19 8.06 2.01
C LEU B 237 -17.62 7.12 3.05
N ALA B 238 -16.35 6.76 2.89
CA ALA B 238 -15.59 5.99 3.87
C ALA B 238 -14.39 6.81 4.32
N VAL B 239 -14.14 6.81 5.62
CA VAL B 239 -13.11 7.65 6.22
C VAL B 239 -12.11 6.77 6.97
N ALA B 240 -10.83 7.08 6.82
CA ALA B 240 -9.75 6.45 7.58
C ALA B 240 -9.01 7.53 8.35
N PHE B 241 -8.86 7.33 9.66
CA PHE B 241 -8.21 8.29 10.53
C PHE B 241 -6.78 7.83 10.79
N LYS B 242 -5.81 8.67 10.42
CA LYS B 242 -4.40 8.34 10.63
C LYS B 242 -3.71 9.45 11.41
N ASP B 248 5.34 6.69 5.06
CA ASP B 248 5.78 5.35 4.74
C ASP B 248 4.62 4.36 4.79
N ARG B 249 3.57 4.73 5.53
CA ARG B 249 2.35 3.92 5.59
C ARG B 249 1.26 4.59 4.77
N LEU B 250 1.47 4.71 3.46
CA LEU B 250 0.62 5.55 2.62
C LEU B 250 -0.26 4.76 1.66
N TYR B 251 0.07 3.52 1.34
CA TYR B 251 -0.57 2.81 0.25
C TYR B 251 -1.66 1.84 0.69
N GLN B 252 -1.78 1.54 1.99
CA GLN B 252 -2.89 0.70 2.42
C GLN B 252 -4.22 1.42 2.33
N PRO B 253 -4.37 2.67 2.80
CA PRO B 253 -5.64 3.37 2.55
C PRO B 253 -5.92 3.59 1.08
N LEU B 254 -4.88 3.85 0.28
CA LEU B 254 -5.07 4.04 -1.16
C LEU B 254 -5.52 2.75 -1.83
N TYR B 255 -4.97 1.61 -1.39
CA TYR B 255 -5.38 0.33 -1.96
C TYR B 255 -6.78 -0.05 -1.52
N GLU B 256 -7.07 0.07 -0.21
CA GLU B 256 -8.38 -0.28 0.30
C GLU B 256 -9.47 0.65 -0.22
N ALA B 257 -9.11 1.88 -0.59
CA ALA B 257 -10.08 2.76 -1.24
C ALA B 257 -10.48 2.21 -2.60
N ASN B 258 -9.50 1.73 -3.39
CA ASN B 258 -9.82 1.13 -4.68
C ASN B 258 -10.60 -0.17 -4.52
N VAL B 259 -10.36 -0.91 -3.44
CA VAL B 259 -11.08 -2.15 -3.21
C VAL B 259 -12.55 -1.86 -2.96
N MET B 260 -12.85 -0.87 -2.12
CA MET B 260 -14.24 -0.51 -1.84
C MET B 260 -14.96 -0.05 -3.09
N GLN B 261 -14.28 0.75 -3.92
CA GLN B 261 -14.90 1.22 -5.15
C GLN B 261 -15.09 0.09 -6.15
N LEU B 262 -14.15 -0.86 -6.18
CA LEU B 262 -14.30 -2.01 -7.07
C LEU B 262 -15.48 -2.87 -6.68
N LEU B 263 -15.65 -3.13 -5.37
CA LEU B 263 -16.71 -4.02 -4.93
C LEU B 263 -18.07 -3.32 -4.93
N LEU B 264 -18.13 -2.07 -4.49
CA LEU B 264 -19.40 -1.37 -4.39
C LEU B 264 -19.84 -0.81 -5.73
N GLU B 265 -19.00 0.03 -6.36
CA GLU B 265 -19.38 0.62 -7.64
C GLU B 265 -19.39 -0.41 -8.76
N GLY B 266 -18.48 -1.38 -8.71
CA GLY B 266 -18.35 -2.34 -9.79
C GLY B 266 -19.26 -3.55 -9.68
N LYS B 267 -19.03 -4.38 -8.67
CA LYS B 267 -19.80 -5.61 -8.53
C LYS B 267 -21.23 -5.37 -8.06
N LEU B 268 -21.46 -4.28 -7.33
CA LEU B 268 -22.76 -4.00 -6.76
C LEU B 268 -23.46 -2.80 -7.37
N GLY B 269 -22.81 -2.06 -8.27
CA GLY B 269 -23.46 -1.01 -9.01
C GLY B 269 -23.75 0.25 -8.23
N ALA B 270 -22.96 0.55 -7.21
CA ALA B 270 -23.16 1.78 -6.46
C ALA B 270 -22.83 2.99 -7.34
N PRO B 271 -23.61 4.07 -7.26
CA PRO B 271 -23.33 5.24 -8.12
C PRO B 271 -21.98 5.87 -7.85
N LYS B 272 -21.67 6.18 -6.60
CA LYS B 272 -20.38 6.77 -6.27
C LYS B 272 -20.05 6.48 -4.81
N VAL B 273 -18.87 5.91 -4.59
CA VAL B 273 -18.36 5.65 -3.24
C VAL B 273 -16.99 6.31 -3.15
N GLU B 274 -16.87 7.30 -2.27
CA GLU B 274 -15.65 8.07 -2.11
C GLU B 274 -14.95 7.71 -0.81
N PHE B 275 -13.64 7.91 -0.79
CA PHE B 275 -12.81 7.57 0.36
C PHE B 275 -12.05 8.80 0.84
N GLU B 276 -11.86 8.88 2.16
CA GLU B 276 -11.28 10.06 2.78
C GLU B 276 -10.27 9.63 3.84
N VAL B 277 -9.15 10.34 3.88
CA VAL B 277 -8.10 10.11 4.88
C VAL B 277 -7.90 11.40 5.67
N HIS B 278 -8.16 11.35 6.96
CA HIS B 278 -7.98 12.48 7.85
C HIS B 278 -6.71 12.29 8.67
N THR B 279 -5.92 13.36 8.79
CA THR B 279 -4.69 13.31 9.56
C THR B 279 -4.47 14.66 10.24
N LEU B 280 -3.76 14.62 11.36
CA LEU B 280 -3.38 15.83 12.08
C LEU B 280 -1.98 16.33 11.71
N ALA B 281 -1.18 15.49 11.06
CA ALA B 281 0.18 15.88 10.69
C ALA B 281 0.70 14.97 9.58
N PRO B 282 0.64 15.39 8.33
CA PRO B 282 1.29 14.61 7.26
C PRO B 282 2.80 14.68 7.39
N GLU B 283 3.45 13.51 7.34
CA GLU B 283 4.88 13.45 7.57
C GLU B 283 5.65 14.24 6.52
N GLY B 284 5.25 14.14 5.26
CA GLY B 284 5.89 14.85 4.18
C GLY B 284 4.88 15.55 3.31
N THR B 285 5.26 15.76 2.04
CA THR B 285 4.40 16.38 1.06
C THR B 285 4.03 15.49 -0.11
N ASN B 286 4.73 14.37 -0.31
CA ASN B 286 4.40 13.45 -1.39
C ASN B 286 3.09 12.72 -1.15
N ALA B 287 2.52 12.80 0.06
CA ALA B 287 1.24 12.15 0.33
C ALA B 287 0.12 12.80 -0.45
N PHE B 288 0.12 14.13 -0.54
CA PHE B 288 -0.92 14.82 -1.30
C PHE B 288 -0.82 14.52 -2.79
N VAL B 289 0.40 14.44 -3.32
CA VAL B 289 0.57 14.12 -4.73
C VAL B 289 0.18 12.68 -5.00
N THR B 290 0.52 11.76 -4.10
CA THR B 290 0.20 10.36 -4.29
C THR B 290 -1.32 10.13 -4.28
N TYR B 291 -2.03 10.84 -3.42
CA TYR B 291 -3.48 10.67 -3.29
C TYR B 291 -4.27 11.39 -4.37
N GLU B 292 -3.61 11.95 -5.38
CA GLU B 292 -4.30 12.51 -6.54
C GLU B 292 -4.65 11.45 -7.57
N ALA B 293 -4.22 10.20 -7.35
CA ALA B 293 -4.41 9.16 -8.35
C ALA B 293 -5.88 8.85 -8.56
N ALA B 294 -6.26 8.62 -9.81
CA ALA B 294 -7.62 8.25 -10.13
C ALA B 294 -7.93 6.84 -9.63
N SER B 295 -9.22 6.58 -9.42
CA SER B 295 -9.66 5.27 -8.96
C SER B 295 -9.38 4.23 -10.03
N LEU B 296 -8.82 3.09 -9.61
CA LEU B 296 -8.44 2.05 -10.57
C LEU B 296 -9.66 1.45 -11.25
N TYR B 297 -10.75 1.26 -10.52
CA TYR B 297 -11.96 0.73 -11.15
C TYR B 297 -12.54 1.71 -12.15
N GLY B 298 -12.58 3.00 -11.80
CA GLY B 298 -13.11 3.99 -12.72
C GLY B 298 -12.36 4.03 -14.03
N LEU B 299 -11.04 3.85 -13.98
CA LEU B 299 -10.26 3.78 -15.21
C LEU B 299 -10.54 2.50 -15.99
N ALA B 300 -10.81 1.39 -15.29
CA ALA B 300 -11.09 0.14 -15.96
C ALA B 300 -12.46 0.16 -16.63
N GLU B 301 -13.47 0.72 -15.94
CA GLU B 301 -14.80 0.79 -16.52
C GLU B 301 -14.84 1.73 -17.73
N GLY B 302 -14.15 2.88 -17.64
CA GLY B 302 -14.09 3.80 -18.75
C GLY B 302 -15.40 4.45 -19.11
N ARG B 303 -16.34 4.55 -18.17
CA ARG B 303 -17.63 5.16 -18.44
C ARG B 303 -17.54 6.69 -18.42
N ALA B 305 -17.15 9.34 -16.05
CA ALA B 305 -16.93 10.23 -14.91
C ALA B 305 -16.09 9.54 -13.84
N VAL B 306 -14.76 9.67 -13.96
CA VAL B 306 -13.83 9.04 -13.04
C VAL B 306 -13.50 10.02 -11.91
N HIS B 307 -13.48 9.51 -10.68
CA HIS B 307 -13.06 10.28 -9.53
C HIS B 307 -11.83 9.62 -8.90
N ARG B 308 -11.19 10.36 -8.00
CA ARG B 308 -9.99 9.85 -7.35
C ARG B 308 -10.32 8.67 -6.44
N ALA B 309 -9.31 7.83 -6.20
CA ALA B 309 -9.46 6.77 -5.21
C ALA B 309 -9.67 7.36 -3.82
N ILE B 310 -8.85 8.33 -3.46
CA ILE B 310 -9.01 9.11 -2.24
C ILE B 310 -9.33 10.54 -2.66
N ARG B 311 -10.52 11.02 -2.27
CA ARG B 311 -10.96 12.33 -2.75
C ARG B 311 -10.13 13.46 -2.19
N GLU B 312 -9.52 13.26 -1.01
CA GLU B 312 -8.71 14.31 -0.39
C GLU B 312 -7.97 13.74 0.80
N LEU B 313 -6.73 14.19 1.00
CA LEU B 313 -6.01 14.01 2.26
C LEU B 313 -6.27 15.24 3.10
N TYR B 314 -7.14 15.10 4.11
CA TYR B 314 -7.67 16.23 4.85
C TYR B 314 -6.91 16.42 6.15
N VAL B 315 -6.39 17.63 6.36
CA VAL B 315 -5.77 18.03 7.63
C VAL B 315 -6.66 19.09 8.26
N PRO B 316 -7.56 18.72 9.16
CA PRO B 316 -8.50 19.68 9.73
C PRO B 316 -7.79 20.72 10.57
N PRO B 317 -7.89 22.00 10.20
CA PRO B 317 -7.27 23.04 11.04
C PRO B 317 -8.06 23.30 12.32
N THR B 318 -9.38 23.33 12.24
CA THR B 318 -10.26 23.51 13.38
C THR B 318 -11.39 22.51 13.29
N ALA B 319 -12.16 22.41 14.39
CA ALA B 319 -13.33 21.55 14.38
C ALA B 319 -14.45 22.13 13.53
N ALA B 320 -14.56 23.46 13.49
CA ALA B 320 -15.56 24.10 12.65
C ALA B 320 -15.27 23.85 11.17
N ASP B 321 -14.00 23.77 10.79
CA ASP B 321 -13.67 23.45 9.40
C ASP B 321 -14.04 22.02 9.07
N LEU B 322 -13.90 21.10 10.02
CA LEU B 322 -14.38 19.74 9.83
C LEU B 322 -15.88 19.73 9.58
N ALA B 323 -16.63 20.55 10.32
CA ALA B 323 -18.09 20.55 10.19
C ALA B 323 -18.53 21.16 8.87
N ARG B 324 -17.99 22.33 8.51
CA ARG B 324 -18.43 22.99 7.29
C ARG B 324 -17.97 22.24 6.05
N ARG B 325 -16.89 21.48 6.14
CA ARG B 325 -16.45 20.67 5.00
C ARG B 325 -17.35 19.46 4.81
N PHE B 326 -17.80 18.85 5.90
CA PHE B 326 -18.72 17.72 5.79
C PHE B 326 -20.10 18.18 5.33
N PHE B 327 -20.52 19.38 5.75
CA PHE B 327 -21.78 19.93 5.25
C PHE B 327 -21.72 20.17 3.75
N ALA B 328 -20.59 20.66 3.24
CA ALA B 328 -20.44 20.91 1.82
C ALA B 328 -20.46 19.60 1.02
N PHE B 329 -19.88 18.54 1.59
CA PHE B 329 -19.92 17.24 0.92
C PHE B 329 -21.35 16.73 0.81
N LEU B 330 -22.11 16.80 1.92
CA LEU B 330 -23.49 16.31 1.90
C LEU B 330 -24.35 17.13 0.96
N ASN B 331 -24.18 18.46 0.97
CA ASN B 331 -24.97 19.31 0.08
C ASN B 331 -24.71 18.98 -1.39
N GLU B 332 -23.48 18.57 -1.71
CA GLU B 332 -23.13 18.25 -3.09
C GLU B 332 -23.42 16.80 -3.44
N ARG B 333 -23.08 15.87 -2.55
CA ARG B 333 -23.21 14.44 -2.85
C ARG B 333 -24.67 13.98 -2.78
N MET B 334 -25.42 14.43 -1.78
CA MET B 334 -26.79 13.96 -1.62
C MET B 334 -27.75 14.50 -2.67
N GLU B 335 -27.29 15.40 -3.54
CA GLU B 335 -28.12 15.85 -4.65
C GLU B 335 -28.36 14.73 -5.65
N LEU B 336 -27.44 13.77 -5.73
CA LEU B 336 -27.59 12.62 -6.62
C LEU B 336 -28.66 11.64 -6.13
N VAL B 337 -29.17 11.82 -4.92
CA VAL B 337 -30.21 10.96 -4.38
C VAL B 337 -31.58 11.61 -4.54
#